data_6S4P
#
_entry.id   6S4P
#
_cell.length_a   127.946
_cell.length_b   127.946
_cell.length_c   115.796
_cell.angle_alpha   90.00
_cell.angle_beta   90.00
_cell.angle_gamma   90.00
#
_symmetry.space_group_name_H-M   'P 43 21 2'
#
loop_
_entity.id
_entity.type
_entity.pdbx_description
1 polymer 'Glycogen phosphorylase, muscle form'
2 non-polymer (2~{R},3~{S},4~{S},5~{R},6~{R})-2-(hydroxymethyl)-6-(4-naphthalen-2-yl-1,3-thiazol-2-yl)oxane-3,4,5-triol
3 non-polymer "PYRIDOXAL-5'-PHOSPHATE"
4 water water
#
_entity_poly.entity_id   1
_entity_poly.type   'polypeptide(L)'
_entity_poly.pdbx_seq_one_letter_code
;MSRPLSDQEKRKQISVRGLAGVENVTELKKNFNRHLHFTLVKDRNVATPRDYYFALAHTVRDHLVGRWIRTQQHYYEKDP
KRIYYLSLEFYMGRTLQNTMVNLALENACDEATYQLGLDMEELEEIEEDAGLGNGGLGRLAACFLDSMATLGLAAYGYGI
RYEFGIFNQKICGGWQMEEADDWLRYGNPWEKARPEFTLPVHFYGRVEHTSQGAKWVDTQVVLAMPYDTPVPGYRNNVVN
TMRLWSAKAPNDFNLKDFNVGGYIQAVLDRNLAENISRVLYPNDNFFEGKELRLKQEYFVVAATLQDIIRRFKSSKFGCR
DPVRTNFDAFPDKVAIQLNDTHPSLAIPELMRVLVDLERLDWDKAWEVTVKTCAYTNHTVLPEALERWPVHLLETLLPRH
LQIIYEINQRFLNRVAAAFPGDVDRLRRMSLVEEGAVKRINMAHLCIAGSHAVNGVARIHSEILKKTIFKDFYELEPHKF
QNKTNGITPRRWLVLCNPGLAEIIAERIGEEYISDLDQLRKLLSYVDDEAFIRDVAKVKQENKLKFAAYLEREYKVHINP
NSLFDVQVKRIHEYKRQLLNCLHVITLYNRIKKEPNKFVVPRTVMIGGKAAPGYHMAKMIIKLITAIGDVVNHDPVVGDR
LRVIFLENYRVSLAEKVIPAADLSEQISTAGTEASGTGNMKFMLNGALTIGTMDGANVEMAEEAGEENFFIFGMRVEDVD
RLDQRGYNAQEYYDRIPELRQIIEQLSSGFFSPKQPDLFKDIVNMLMHHDRFKVFADYEEYVKCQERVSALYKNPREWTR
MVIRNIATSGKFSSDRTIAQYAREIWGVEPSRQRLPAPDEKIP
;
_entity_poly.pdbx_strand_id   A
#
loop_
_chem_comp.id
_chem_comp.type
_chem_comp.name
_chem_comp.formula
KVE non-polymer (2~{R},3~{S},4~{S},5~{R},6~{R})-2-(hydroxymethyl)-6-(4-naphthalen-2-yl-1,3-thiazol-2-yl)oxane-3,4,5-triol 'C19 H19 N O5 S'
PLP non-polymer PYRIDOXAL-5'-PHOSPHATE 'C8 H10 N O6 P'
#
# COMPACT_ATOMS: atom_id res chain seq x y z
N GLN A 13 9.63 28.83 8.25
CA GLN A 13 9.76 28.87 9.74
C GLN A 13 10.75 27.78 10.22
N ILE A 14 10.64 26.52 9.72
CA ILE A 14 11.55 25.37 10.00
C ILE A 14 12.39 25.06 8.75
N SER A 15 13.67 24.72 8.93
CA SER A 15 14.75 24.77 7.89
C SER A 15 14.53 23.72 6.78
N VAL A 16 14.08 22.50 7.11
CA VAL A 16 13.93 21.37 6.13
C VAL A 16 12.80 21.68 5.14
N ARG A 17 11.97 22.69 5.39
CA ARG A 17 10.91 23.16 4.45
C ARG A 17 11.44 24.18 3.42
N GLY A 18 12.73 24.51 3.44
CA GLY A 18 13.41 25.27 2.36
C GLY A 18 13.41 26.77 2.60
N LEU A 19 14.00 27.54 1.68
CA LEU A 19 14.12 29.03 1.78
C LEU A 19 12.84 29.67 1.25
N ALA A 20 12.42 30.75 1.88
CA ALA A 20 11.41 31.67 1.32
C ALA A 20 12.11 32.96 0.92
N GLY A 21 12.75 32.96 -0.26
CA GLY A 21 13.36 34.17 -0.87
C GLY A 21 12.33 35.25 -1.16
N VAL A 22 12.76 36.50 -1.33
CA VAL A 22 11.83 37.64 -1.57
C VAL A 22 11.23 37.49 -2.97
N GLU A 23 12.04 37.13 -3.97
CA GLU A 23 11.60 37.00 -5.40
C GLU A 23 10.66 35.79 -5.51
N ASN A 24 11.13 34.64 -5.06
CA ASN A 24 10.32 33.40 -5.02
C ASN A 24 8.91 33.70 -4.49
N VAL A 25 8.79 34.38 -3.35
CA VAL A 25 7.48 34.62 -2.67
C VAL A 25 6.64 35.55 -3.54
N THR A 26 7.23 36.67 -3.99
CA THR A 26 6.61 37.66 -4.90
C THR A 26 6.07 36.94 -6.15
N GLU A 27 6.88 36.06 -6.72
CA GLU A 27 6.60 35.31 -7.98
C GLU A 27 5.43 34.32 -7.73
N LEU A 28 5.44 33.59 -6.62
CA LEU A 28 4.37 32.65 -6.23
C LEU A 28 3.05 33.40 -6.06
N LYS A 29 3.05 34.54 -5.37
CA LYS A 29 1.85 35.38 -5.13
C LYS A 29 1.25 35.83 -6.46
N LYS A 30 2.07 36.25 -7.42
CA LYS A 30 1.53 36.83 -8.67
C LYS A 30 1.01 35.70 -9.56
N ASN A 31 1.59 34.50 -9.50
CA ASN A 31 1.11 33.32 -10.27
C ASN A 31 -0.16 32.78 -9.61
N PHE A 32 -0.29 32.88 -8.29
CA PHE A 32 -1.50 32.48 -7.54
C PHE A 32 -2.69 33.38 -7.97
N ASN A 33 -2.50 34.69 -8.00
CA ASN A 33 -3.51 35.67 -8.47
C ASN A 33 -3.79 35.48 -9.96
N ARG A 34 -2.78 35.14 -10.78
CA ARG A 34 -2.98 34.90 -12.23
C ARG A 34 -3.93 33.69 -12.40
N HIS A 35 -3.67 32.59 -11.70
CA HIS A 35 -4.52 31.37 -11.82
C HIS A 35 -5.92 31.59 -11.25
N LEU A 36 -6.07 32.35 -10.16
CA LEU A 36 -7.39 32.60 -9.56
C LEU A 36 -8.27 33.27 -10.63
N HIS A 37 -7.72 34.30 -11.30
CA HIS A 37 -8.32 35.07 -12.42
C HIS A 37 -8.48 34.20 -13.68
N PHE A 38 -7.38 33.81 -14.34
CA PHE A 38 -7.43 33.24 -15.70
C PHE A 38 -7.84 31.77 -15.66
N THR A 39 -7.37 31.01 -14.69
CA THR A 39 -7.64 29.54 -14.63
C THR A 39 -8.99 29.25 -13.96
N LEU A 40 -9.33 29.93 -12.88
CA LEU A 40 -10.51 29.58 -12.06
C LEU A 40 -11.65 30.53 -12.39
N VAL A 41 -11.37 31.66 -13.03
CA VAL A 41 -12.38 32.67 -13.45
C VAL A 41 -13.16 33.08 -12.19
N LYS A 42 -12.42 33.55 -11.20
CA LYS A 42 -12.92 34.04 -9.90
C LYS A 42 -12.18 35.35 -9.63
N ASP A 43 -12.79 36.29 -8.89
CA ASP A 43 -12.08 37.40 -8.21
C ASP A 43 -12.03 37.01 -6.73
N ARG A 44 -11.36 37.81 -5.90
CA ARG A 44 -11.14 37.47 -4.47
C ARG A 44 -12.46 37.56 -3.69
N ASN A 45 -13.48 38.28 -4.19
CA ASN A 45 -14.77 38.51 -3.49
C ASN A 45 -15.65 37.25 -3.46
N VAL A 46 -15.50 36.33 -4.42
CA VAL A 46 -16.41 35.16 -4.59
C VAL A 46 -15.62 33.84 -4.50
N ALA A 47 -14.30 33.89 -4.39
CA ALA A 47 -13.47 32.68 -4.21
C ALA A 47 -13.84 31.97 -2.90
N THR A 48 -13.95 30.64 -2.95
CA THR A 48 -14.10 29.76 -1.77
C THR A 48 -12.73 29.17 -1.41
N PRO A 49 -12.54 28.63 -0.19
CA PRO A 49 -11.30 27.95 0.12
C PRO A 49 -10.88 26.99 -1.00
N ARG A 50 -11.85 26.34 -1.68
CA ARG A 50 -11.56 25.33 -2.72
C ARG A 50 -10.91 25.99 -3.94
N ASP A 51 -11.39 27.14 -4.37
CA ASP A 51 -10.72 27.96 -5.41
C ASP A 51 -9.27 28.28 -5.01
N TYR A 52 -9.06 28.71 -3.76
CA TYR A 52 -7.71 29.02 -3.23
C TYR A 52 -6.83 27.78 -3.33
N TYR A 53 -7.34 26.60 -2.96
CA TYR A 53 -6.56 25.34 -3.04
C TYR A 53 -6.16 25.10 -4.50
N PHE A 54 -7.09 25.32 -5.44
CA PHE A 54 -6.87 25.05 -6.88
C PHE A 54 -5.82 26.02 -7.44
N ALA A 55 -5.89 27.31 -7.07
CA ALA A 55 -4.94 28.33 -7.54
C ALA A 55 -3.54 27.91 -7.09
N LEU A 56 -3.40 27.55 -5.82
CA LEU A 56 -2.11 27.09 -5.26
C LEU A 56 -1.67 25.83 -6.02
N ALA A 57 -2.52 24.82 -6.14
CA ALA A 57 -2.18 23.58 -6.89
C ALA A 57 -1.62 23.96 -8.27
N HIS A 58 -2.35 24.76 -9.05
CA HIS A 58 -1.92 25.21 -10.40
C HIS A 58 -0.57 25.93 -10.36
N THR A 59 -0.34 26.73 -9.32
CA THR A 59 0.88 27.54 -9.11
C THR A 59 2.07 26.59 -8.86
N VAL A 60 1.87 25.54 -8.07
CA VAL A 60 2.94 24.56 -7.73
C VAL A 60 3.18 23.65 -8.95
N ARG A 61 2.12 23.23 -9.64
CA ARG A 61 2.21 22.42 -10.86
C ARG A 61 3.07 23.14 -11.89
N ASP A 62 3.01 24.45 -11.94
CA ASP A 62 3.79 25.23 -12.93
C ASP A 62 5.31 25.01 -12.72
N HIS A 63 5.77 24.78 -11.50
CA HIS A 63 7.21 24.49 -11.20
C HIS A 63 7.58 23.07 -11.62
N LEU A 64 6.62 22.17 -11.79
CA LEU A 64 6.87 20.77 -12.19
C LEU A 64 7.15 20.69 -13.69
N VAL A 65 6.51 21.52 -14.49
CA VAL A 65 6.34 21.38 -15.97
C VAL A 65 7.72 21.41 -16.68
N GLY A 66 8.55 22.40 -16.42
CA GLY A 66 9.90 22.49 -17.01
C GLY A 66 10.67 21.21 -16.77
N ARG A 67 10.71 20.78 -15.51
CA ARG A 67 11.48 19.57 -15.05
C ARG A 67 10.90 18.30 -15.70
N TRP A 68 9.57 18.18 -15.77
CA TRP A 68 8.86 17.05 -16.41
C TRP A 68 9.31 16.92 -17.87
N ILE A 69 9.22 18.01 -18.65
CA ILE A 69 9.59 18.06 -20.09
C ILE A 69 11.09 17.74 -20.27
N ARG A 70 11.98 18.39 -19.50
CA ARG A 70 13.45 18.18 -19.56
C ARG A 70 13.78 16.72 -19.23
N THR A 71 13.10 16.10 -18.26
CA THR A 71 13.41 14.73 -17.78
C THR A 71 13.06 13.73 -18.87
N GLN A 72 11.85 13.83 -19.43
CA GLN A 72 11.37 12.93 -20.51
C GLN A 72 12.26 13.12 -21.75
N GLN A 73 12.59 14.36 -22.06
CA GLN A 73 13.61 14.73 -23.09
C GLN A 73 14.91 13.96 -22.82
N HIS A 74 15.49 14.12 -21.64
CA HIS A 74 16.80 13.54 -21.24
C HIS A 74 16.78 12.02 -21.42
N TYR A 75 15.66 11.34 -21.12
CA TYR A 75 15.52 9.87 -21.28
C TYR A 75 15.49 9.50 -22.76
N TYR A 76 15.00 10.39 -23.62
CA TYR A 76 15.00 10.18 -25.08
C TYR A 76 16.45 10.22 -25.60
N GLU A 77 17.24 11.21 -25.16
CA GLU A 77 18.63 11.45 -25.62
C GLU A 77 19.54 10.35 -25.08
N LYS A 78 19.58 10.14 -23.76
CA LYS A 78 20.45 9.14 -23.10
C LYS A 78 19.96 7.71 -23.40
N ASP A 79 18.69 7.52 -23.71
CA ASP A 79 18.10 6.17 -23.94
C ASP A 79 18.54 5.17 -22.88
N PRO A 80 18.32 5.41 -21.56
CA PRO A 80 18.71 4.43 -20.55
C PRO A 80 17.76 3.24 -20.61
N LYS A 81 18.08 2.18 -19.88
CA LYS A 81 17.12 1.07 -19.66
C LYS A 81 15.92 1.65 -18.91
N ARG A 82 14.71 1.29 -19.33
CA ARG A 82 13.47 1.85 -18.76
C ARG A 82 12.77 0.80 -17.90
N ILE A 83 12.32 1.21 -16.71
CA ILE A 83 11.59 0.37 -15.73
C ILE A 83 10.11 0.67 -15.83
N TYR A 84 9.33 -0.39 -15.97
CA TYR A 84 7.85 -0.33 -16.07
C TYR A 84 7.29 -1.07 -14.86
N TYR A 85 6.79 -0.29 -13.90
CA TYR A 85 6.15 -0.79 -12.67
C TYR A 85 4.66 -0.94 -12.98
N LEU A 86 4.21 -2.16 -13.30
CA LEU A 86 2.78 -2.46 -13.57
C LEU A 86 2.08 -2.79 -12.26
N SER A 87 1.08 -2.01 -11.87
CA SER A 87 0.26 -2.25 -10.66
C SER A 87 -1.21 -1.91 -10.96
N LEU A 88 -2.16 -2.66 -10.42
CA LEU A 88 -3.61 -2.32 -10.50
C LEU A 88 -3.90 -1.25 -9.46
N GLU A 89 -2.91 -0.93 -8.63
CA GLU A 89 -3.12 -0.06 -7.44
C GLU A 89 -1.94 0.90 -7.29
N PHE A 90 -2.25 2.19 -7.20
CA PHE A 90 -1.33 3.26 -6.75
C PHE A 90 -2.06 4.09 -5.69
N TYR A 91 -1.70 3.88 -4.43
CA TYR A 91 -2.30 4.60 -3.27
C TYR A 91 -1.49 5.87 -3.03
N MET A 92 -1.75 6.90 -3.82
CA MET A 92 -0.94 8.14 -3.89
C MET A 92 -1.20 9.09 -2.70
N GLY A 93 -2.45 9.20 -2.28
CA GLY A 93 -2.92 10.20 -1.32
C GLY A 93 -2.87 11.58 -1.95
N ARG A 94 -2.57 12.62 -1.18
CA ARG A 94 -2.55 14.00 -1.71
C ARG A 94 -1.20 14.25 -2.35
N THR A 95 -1.18 15.14 -3.34
CA THR A 95 -0.02 15.45 -4.21
C THR A 95 0.54 16.82 -3.84
N LEU A 96 -0.24 17.74 -3.29
CA LEU A 96 0.19 19.17 -3.20
C LEU A 96 1.41 19.31 -2.26
N GLN A 97 1.30 18.85 -1.01
CA GLN A 97 2.40 19.00 -0.01
C GLN A 97 3.62 18.23 -0.51
N ASN A 98 3.40 17.02 -1.04
CA ASN A 98 4.50 16.14 -1.51
C ASN A 98 5.28 16.84 -2.61
N THR A 99 4.59 17.50 -3.54
CA THR A 99 5.22 18.25 -4.66
C THR A 99 6.04 19.40 -4.06
N MET A 100 5.49 20.12 -3.09
CA MET A 100 6.19 21.28 -2.46
C MET A 100 7.46 20.78 -1.77
N VAL A 101 7.36 19.68 -1.04
CA VAL A 101 8.51 19.12 -0.28
C VAL A 101 9.63 18.80 -1.28
N ASN A 102 9.32 18.12 -2.37
CA ASN A 102 10.36 17.58 -3.28
C ASN A 102 10.94 18.70 -4.14
N LEU A 103 10.22 19.82 -4.27
CA LEU A 103 10.70 20.99 -5.07
C LEU A 103 11.27 22.06 -4.14
N ALA A 104 11.19 21.87 -2.83
CA ALA A 104 11.72 22.78 -1.78
C ALA A 104 10.93 24.10 -1.72
N LEU A 105 9.62 24.07 -2.05
CA LEU A 105 8.76 25.28 -2.19
C LEU A 105 7.89 25.47 -0.94
N GLU A 106 7.99 24.58 0.02
CA GLU A 106 6.99 24.54 1.12
C GLU A 106 7.01 25.86 1.90
N ASN A 107 8.18 26.32 2.38
CA ASN A 107 8.27 27.57 3.15
C ASN A 107 7.84 28.73 2.27
N ALA A 108 8.27 28.75 1.01
CA ALA A 108 7.99 29.87 0.08
C ALA A 108 6.48 29.95 -0.17
N CYS A 109 5.82 28.81 -0.37
CA CYS A 109 4.36 28.75 -0.56
C CYS A 109 3.68 29.11 0.77
N ASP A 110 4.17 28.63 1.91
CA ASP A 110 3.63 29.05 3.23
C ASP A 110 3.65 30.58 3.34
N GLU A 111 4.78 31.20 2.99
CA GLU A 111 5.01 32.67 3.09
C GLU A 111 4.11 33.39 2.08
N ALA A 112 4.09 32.92 0.83
CA ALA A 112 3.31 33.53 -0.28
C ALA A 112 1.82 33.53 0.09
N THR A 113 1.31 32.42 0.61
CA THR A 113 -0.13 32.25 0.93
C THR A 113 -0.46 33.10 2.17
N TYR A 114 0.36 33.02 3.22
CA TYR A 114 0.27 33.85 4.46
C TYR A 114 0.08 35.33 4.11
N GLN A 115 0.85 35.87 3.16
CA GLN A 115 0.81 37.31 2.77
C GLN A 115 -0.48 37.65 2.02
N LEU A 116 -1.06 36.68 1.31
CA LEU A 116 -2.40 36.78 0.69
C LEU A 116 -3.50 36.50 1.73
N GLY A 117 -3.13 36.27 2.99
CA GLY A 117 -4.10 36.18 4.10
C GLY A 117 -4.77 34.83 4.14
N LEU A 118 -4.10 33.79 3.64
CA LEU A 118 -4.65 32.41 3.60
C LEU A 118 -3.76 31.51 4.46
N ASP A 119 -4.31 30.44 5.01
CA ASP A 119 -3.53 29.42 5.76
C ASP A 119 -3.35 28.21 4.86
N MET A 120 -2.12 27.98 4.39
CA MET A 120 -1.78 26.89 3.43
C MET A 120 -2.24 25.53 3.98
N GLU A 121 -2.13 25.31 5.29
CA GLU A 121 -2.54 24.01 5.91
C GLU A 121 -4.03 23.76 5.72
N GLU A 122 -4.85 24.80 5.82
CA GLU A 122 -6.32 24.70 5.60
C GLU A 122 -6.58 24.34 4.13
N LEU A 123 -5.82 24.92 3.18
CA LEU A 123 -6.00 24.66 1.72
C LEU A 123 -5.57 23.21 1.40
N GLU A 124 -4.52 22.71 2.05
CA GLU A 124 -4.03 21.31 1.89
C GLU A 124 -5.14 20.33 2.24
N GLU A 125 -5.93 20.61 3.27
CA GLU A 125 -7.02 19.72 3.76
C GLU A 125 -8.16 19.62 2.73
N ILE A 126 -8.20 20.46 1.69
CA ILE A 126 -9.28 20.45 0.66
C ILE A 126 -8.95 19.46 -0.44
N GLU A 127 -7.67 19.10 -0.61
CA GLU A 127 -7.26 18.11 -1.64
C GLU A 127 -7.85 16.72 -1.30
N GLU A 128 -8.50 16.09 -2.27
CA GLU A 128 -8.93 14.68 -2.20
C GLU A 128 -7.69 13.79 -2.23
N ASP A 129 -7.63 12.77 -1.37
CA ASP A 129 -6.76 11.59 -1.60
C ASP A 129 -7.03 10.98 -2.97
N ALA A 130 -5.98 10.72 -3.74
CA ALA A 130 -6.01 9.74 -4.84
C ALA A 130 -5.96 8.33 -4.21
N GLY A 131 -7.12 7.79 -3.88
CA GLY A 131 -7.23 6.52 -3.15
C GLY A 131 -7.35 5.34 -4.10
N LEU A 132 -6.44 5.26 -5.08
CA LEU A 132 -6.48 4.20 -6.13
C LEU A 132 -5.75 2.97 -5.58
N GLY A 133 -6.01 2.62 -4.33
CA GLY A 133 -5.47 1.39 -3.76
C GLY A 133 -6.17 0.98 -2.48
N ASN A 134 -5.90 -0.25 -2.04
CA ASN A 134 -6.58 -0.89 -0.89
C ASN A 134 -5.79 -0.63 0.38
N GLY A 135 -4.47 -0.83 0.31
CA GLY A 135 -3.60 -0.75 1.50
C GLY A 135 -2.15 -0.95 1.13
N GLY A 136 -1.55 -2.01 1.67
CA GLY A 136 -0.08 -2.19 1.72
C GLY A 136 0.51 -2.16 0.33
N LEU A 137 -0.02 -3.02 -0.52
CA LEU A 137 0.46 -3.24 -1.92
C LEU A 137 0.34 -1.93 -2.70
N GLY A 138 -0.81 -1.26 -2.62
CA GLY A 138 -1.05 -0.05 -3.42
C GLY A 138 -0.12 1.05 -2.96
N ARG A 139 0.11 1.15 -1.65
CA ARG A 139 0.92 2.25 -1.05
C ARG A 139 2.40 1.98 -1.34
N LEU A 140 2.80 0.71 -1.46
CA LEU A 140 4.18 0.31 -1.79
C LEU A 140 4.49 0.80 -3.20
N ALA A 141 3.48 0.77 -4.07
CA ALA A 141 3.59 1.25 -5.45
C ALA A 141 3.93 2.74 -5.41
N ALA A 142 3.22 3.50 -4.57
CA ALA A 142 3.37 4.97 -4.43
C ALA A 142 4.75 5.33 -3.86
N CYS A 143 5.17 4.68 -2.77
CA CYS A 143 6.51 4.89 -2.17
C CYS A 143 7.61 4.56 -3.21
N PHE A 144 7.41 3.50 -3.98
CA PHE A 144 8.38 3.05 -5.04
C PHE A 144 8.55 4.14 -6.11
N LEU A 145 7.47 4.74 -6.59
CA LEU A 145 7.51 5.81 -7.63
C LEU A 145 8.37 6.98 -7.13
N ASP A 146 8.13 7.39 -5.88
CA ASP A 146 8.88 8.47 -5.19
C ASP A 146 10.38 8.10 -5.13
N SER A 147 10.70 6.87 -4.75
CA SER A 147 12.11 6.41 -4.61
C SER A 147 12.77 6.29 -5.99
N MET A 148 12.03 5.88 -7.03
CA MET A 148 12.63 5.69 -8.38
C MET A 148 12.97 7.06 -8.99
N ALA A 149 12.15 8.06 -8.76
CA ALA A 149 12.37 9.47 -9.17
C ALA A 149 13.54 10.06 -8.38
N THR A 150 13.56 9.86 -7.08
CA THR A 150 14.66 10.29 -6.18
C THR A 150 15.98 9.60 -6.58
N LEU A 151 15.96 8.34 -7.04
CA LEU A 151 17.20 7.61 -7.40
C LEU A 151 17.46 7.74 -8.89
N GLY A 152 16.79 8.70 -9.54
CA GLY A 152 17.03 9.07 -10.95
C GLY A 152 16.92 7.90 -11.91
N LEU A 153 15.99 6.97 -11.67
CA LEU A 153 15.71 5.86 -12.63
C LEU A 153 14.68 6.32 -13.67
N ALA A 154 14.86 5.88 -14.92
CA ALA A 154 13.91 6.13 -16.02
C ALA A 154 12.72 5.17 -15.85
N ALA A 155 11.84 5.47 -14.89
CA ALA A 155 10.80 4.56 -14.36
C ALA A 155 9.43 5.15 -14.68
N TYR A 156 8.48 4.28 -14.98
CA TYR A 156 7.08 4.65 -15.31
C TYR A 156 6.17 3.80 -14.45
N GLY A 157 5.30 4.44 -13.70
CA GLY A 157 4.14 3.76 -13.09
C GLY A 157 3.04 3.62 -14.13
N TYR A 158 2.53 2.42 -14.33
CA TYR A 158 1.42 2.11 -15.25
C TYR A 158 0.31 1.39 -14.47
N GLY A 159 -0.89 1.95 -14.56
CA GLY A 159 -2.06 1.42 -13.86
C GLY A 159 -3.33 1.91 -14.53
N ILE A 160 -4.42 1.90 -13.76
CA ILE A 160 -5.77 2.28 -14.23
C ILE A 160 -6.18 3.53 -13.48
N ARG A 161 -6.71 4.51 -14.20
CA ARG A 161 -7.36 5.71 -13.63
C ARG A 161 -8.80 5.34 -13.26
N TYR A 162 -8.99 4.79 -12.06
CA TYR A 162 -10.36 4.45 -11.57
C TYR A 162 -11.12 5.75 -11.35
N GLU A 163 -12.37 5.82 -11.81
CA GLU A 163 -13.24 6.98 -11.55
C GLU A 163 -13.55 7.04 -10.05
N PHE A 164 -13.61 5.88 -9.40
CA PHE A 164 -13.90 5.70 -7.95
C PHE A 164 -12.79 4.85 -7.33
N GLY A 165 -12.09 5.39 -6.34
CA GLY A 165 -11.00 4.69 -5.62
C GLY A 165 -11.61 3.90 -4.49
N ILE A 166 -10.79 3.52 -3.51
CA ILE A 166 -11.30 2.85 -2.29
C ILE A 166 -12.44 3.72 -1.72
N PHE A 167 -13.56 3.09 -1.41
CA PHE A 167 -14.78 3.71 -0.86
C PHE A 167 -14.47 4.52 0.40
N ASN A 168 -15.22 5.60 0.59
CA ASN A 168 -15.29 6.38 1.84
C ASN A 168 -16.09 5.54 2.86
N GLN A 169 -15.52 5.36 4.04
CA GLN A 169 -16.10 4.63 5.20
C GLN A 169 -16.81 5.62 6.12
N LYS A 170 -18.14 5.54 6.19
CA LYS A 170 -18.96 6.14 7.28
C LYS A 170 -19.23 5.05 8.30
N ILE A 171 -19.21 5.42 9.58
CA ILE A 171 -19.76 4.59 10.69
C ILE A 171 -21.18 5.09 10.97
N CYS A 172 -22.15 4.18 10.97
CA CYS A 172 -23.59 4.42 11.22
C CYS A 172 -24.06 3.36 12.23
N GLY A 173 -24.39 3.76 13.45
CA GLY A 173 -24.79 2.86 14.55
C GLY A 173 -23.70 1.85 14.83
N GLY A 174 -22.43 2.28 14.70
CA GLY A 174 -21.23 1.44 14.87
C GLY A 174 -20.99 0.47 13.71
N TRP A 175 -21.78 0.53 12.64
CA TRP A 175 -21.60 -0.31 11.43
C TRP A 175 -20.93 0.51 10.31
N GLN A 176 -20.02 -0.11 9.56
CA GLN A 176 -19.41 0.44 8.32
C GLN A 176 -20.50 0.65 7.26
N MET A 177 -20.59 1.84 6.69
CA MET A 177 -21.34 2.09 5.43
C MET A 177 -20.32 2.55 4.39
N GLU A 178 -20.47 2.08 3.15
CA GLU A 178 -19.58 2.46 2.02
C GLU A 178 -20.28 3.56 1.20
N GLU A 179 -19.55 4.63 0.90
CA GLU A 179 -19.93 5.69 -0.07
C GLU A 179 -18.90 5.71 -1.17
N ALA A 180 -19.35 5.98 -2.39
CA ALA A 180 -18.50 6.07 -3.59
C ALA A 180 -17.51 7.19 -3.35
N ASP A 181 -16.22 6.91 -3.58
CA ASP A 181 -15.11 7.90 -3.50
C ASP A 181 -15.08 8.62 -4.85
N ASP A 182 -15.88 9.67 -4.97
CA ASP A 182 -16.00 10.48 -6.20
C ASP A 182 -14.89 11.54 -6.20
N TRP A 183 -13.64 11.10 -6.34
CA TRP A 183 -12.41 11.92 -6.10
C TRP A 183 -12.14 12.89 -7.26
N LEU A 184 -12.73 12.68 -8.44
CA LEU A 184 -12.53 13.51 -9.66
C LEU A 184 -13.62 14.59 -9.80
N ARG A 185 -14.60 14.63 -8.90
CA ARG A 185 -15.79 15.52 -8.97
C ARG A 185 -15.36 16.97 -9.28
N TYR A 186 -14.37 17.51 -8.55
CA TYR A 186 -13.95 18.94 -8.62
C TYR A 186 -12.81 19.13 -9.62
N GLY A 187 -12.42 18.08 -10.34
CA GLY A 187 -11.22 18.08 -11.20
C GLY A 187 -9.98 17.61 -10.46
N ASN A 188 -9.00 17.11 -11.21
CA ASN A 188 -7.65 16.67 -10.75
C ASN A 188 -6.62 17.55 -11.47
N PRO A 189 -6.04 18.57 -10.81
CA PRO A 189 -5.11 19.48 -11.47
C PRO A 189 -3.74 18.83 -11.76
N TRP A 190 -3.51 17.62 -11.26
CA TRP A 190 -2.19 16.96 -11.29
C TRP A 190 -2.07 16.12 -12.56
N GLU A 191 -3.18 15.62 -13.08
CA GLU A 191 -3.20 14.76 -14.28
C GLU A 191 -3.17 15.61 -15.55
N LYS A 192 -2.58 15.10 -16.61
CA LYS A 192 -2.66 15.62 -18.00
C LYS A 192 -3.15 14.48 -18.91
N ALA A 193 -4.37 14.64 -19.43
CA ALA A 193 -4.96 13.73 -20.43
C ALA A 193 -4.05 13.74 -21.65
N ARG A 194 -3.79 12.58 -22.24
CA ARG A 194 -3.03 12.46 -23.49
C ARG A 194 -3.91 11.73 -24.50
N PRO A 195 -5.05 12.31 -24.92
CA PRO A 195 -5.98 11.61 -25.84
C PRO A 195 -5.29 11.10 -27.11
N GLU A 196 -4.22 11.77 -27.53
CA GLU A 196 -3.46 11.46 -28.78
C GLU A 196 -2.61 10.20 -28.64
N PHE A 197 -2.44 9.63 -27.44
CA PHE A 197 -1.71 8.35 -27.25
C PHE A 197 -2.71 7.24 -26.94
N THR A 198 -3.98 7.44 -27.32
CA THR A 198 -5.07 6.45 -27.15
C THR A 198 -4.74 5.22 -27.98
N LEU A 199 -5.01 4.05 -27.40
CA LEU A 199 -4.61 2.73 -27.93
C LEU A 199 -5.81 1.80 -27.84
N PRO A 200 -6.00 0.89 -28.82
CA PRO A 200 -7.07 -0.11 -28.75
C PRO A 200 -6.63 -1.30 -27.89
N VAL A 201 -7.55 -1.76 -27.04
CA VAL A 201 -7.45 -3.04 -26.31
C VAL A 201 -8.56 -3.95 -26.83
N HIS A 202 -8.25 -5.23 -27.08
CA HIS A 202 -9.17 -6.24 -27.68
C HIS A 202 -9.65 -7.26 -26.64
N PHE A 203 -10.89 -7.71 -26.81
CA PHE A 203 -11.60 -8.68 -25.95
C PHE A 203 -12.48 -9.61 -26.79
N TYR A 204 -12.72 -10.80 -26.25
CA TYR A 204 -13.60 -11.84 -26.82
C TYR A 204 -12.95 -12.32 -28.11
N GLY A 205 -13.71 -12.35 -29.20
CA GLY A 205 -13.24 -12.86 -30.49
C GLY A 205 -12.94 -14.34 -30.44
N ARG A 206 -12.12 -14.80 -31.38
CA ARG A 206 -11.81 -16.24 -31.58
C ARG A 206 -10.45 -16.29 -32.28
N VAL A 207 -9.80 -17.45 -32.29
CA VAL A 207 -8.50 -17.66 -32.96
C VAL A 207 -8.74 -18.42 -34.26
N GLU A 208 -8.34 -17.81 -35.38
CA GLU A 208 -8.11 -18.50 -36.67
C GLU A 208 -6.64 -18.91 -36.74
N HIS A 209 -6.37 -20.17 -37.11
CA HIS A 209 -5.03 -20.69 -37.50
C HIS A 209 -4.91 -20.63 -39.02
N THR A 210 -3.93 -19.87 -39.53
CA THR A 210 -3.62 -19.70 -40.98
C THR A 210 -2.30 -20.42 -41.30
N SER A 211 -1.79 -20.23 -42.53
CA SER A 211 -0.40 -20.54 -42.98
C SER A 211 0.58 -19.67 -42.17
N GLN A 212 0.32 -18.36 -42.12
CA GLN A 212 1.18 -17.36 -41.42
C GLN A 212 0.75 -17.22 -39.95
N GLY A 213 0.62 -18.36 -39.24
CA GLY A 213 0.43 -18.42 -37.77
C GLY A 213 -1.00 -18.15 -37.33
N ALA A 214 -1.22 -18.02 -36.01
CA ALA A 214 -2.54 -17.79 -35.36
C ALA A 214 -2.92 -16.31 -35.46
N LYS A 215 -4.22 -16.03 -35.54
CA LYS A 215 -4.76 -14.66 -35.71
C LYS A 215 -6.01 -14.50 -34.83
N TRP A 216 -5.97 -13.47 -33.97
CA TRP A 216 -7.08 -13.14 -33.04
C TRP A 216 -8.04 -12.19 -33.78
N VAL A 217 -9.26 -12.65 -34.08
CA VAL A 217 -10.23 -11.93 -34.96
C VAL A 217 -11.59 -11.79 -34.26
N ASP A 218 -12.47 -10.98 -34.86
CA ASP A 218 -13.86 -10.66 -34.40
C ASP A 218 -13.82 -10.25 -32.94
N THR A 219 -12.90 -9.38 -32.56
CA THR A 219 -12.74 -8.91 -31.16
C THR A 219 -13.64 -7.68 -30.93
N GLN A 220 -14.01 -7.41 -29.68
CA GLN A 220 -14.57 -6.10 -29.29
C GLN A 220 -13.41 -5.21 -28.86
N VAL A 221 -13.46 -3.97 -29.33
CA VAL A 221 -12.42 -2.94 -29.08
C VAL A 221 -12.91 -2.05 -27.94
N VAL A 222 -12.09 -1.93 -26.91
CA VAL A 222 -12.14 -0.81 -25.93
C VAL A 222 -10.90 0.05 -26.14
N LEU A 223 -11.06 1.38 -26.12
CA LEU A 223 -9.92 2.30 -26.20
C LEU A 223 -9.38 2.56 -24.80
N ALA A 224 -8.06 2.65 -24.70
CA ALA A 224 -7.31 3.00 -23.48
C ALA A 224 -6.74 4.39 -23.71
N MET A 225 -7.23 5.36 -22.96
CA MET A 225 -6.79 6.77 -23.06
C MET A 225 -5.89 7.04 -21.87
N PRO A 226 -4.62 7.45 -22.03
CA PRO A 226 -3.72 7.64 -20.90
C PRO A 226 -3.81 9.04 -20.27
N TYR A 227 -3.71 9.08 -18.95
CA TYR A 227 -3.53 10.30 -18.13
C TYR A 227 -2.17 10.25 -17.45
N ASP A 228 -1.35 11.28 -17.65
CA ASP A 228 0.01 11.36 -17.05
C ASP A 228 -0.04 12.25 -15.81
N THR A 229 0.48 11.73 -14.70
CA THR A 229 0.67 12.47 -13.44
C THR A 229 2.16 12.56 -13.20
N PRO A 230 2.71 13.76 -12.89
CA PRO A 230 4.13 13.88 -12.56
C PRO A 230 4.48 13.25 -11.21
N VAL A 231 5.63 12.62 -11.17
CA VAL A 231 6.27 12.06 -9.95
C VAL A 231 7.62 12.74 -9.75
N PRO A 232 7.68 13.77 -8.88
CA PRO A 232 8.92 14.48 -8.62
C PRO A 232 9.85 13.66 -7.71
N GLY A 233 11.12 13.55 -8.08
CA GLY A 233 12.19 13.10 -7.16
C GLY A 233 12.49 14.16 -6.09
N TYR A 234 13.15 13.76 -5.01
CA TYR A 234 13.54 14.67 -3.90
C TYR A 234 14.72 15.57 -4.32
N ARG A 235 14.38 16.83 -4.60
CA ARG A 235 15.30 17.95 -4.94
C ARG A 235 16.37 17.52 -5.95
N ASN A 236 16.08 16.61 -6.87
CA ASN A 236 17.08 16.24 -7.90
C ASN A 236 16.65 16.78 -9.27
N ASN A 237 15.51 17.50 -9.31
CA ASN A 237 14.89 18.06 -10.55
C ASN A 237 14.44 16.95 -11.49
N VAL A 238 14.30 15.72 -11.02
CA VAL A 238 13.78 14.59 -11.85
C VAL A 238 12.28 14.56 -11.61
N VAL A 239 11.50 14.49 -12.70
CA VAL A 239 10.03 14.26 -12.69
C VAL A 239 9.71 13.08 -13.63
N ASN A 240 9.38 11.93 -13.03
CA ASN A 240 8.98 10.71 -13.75
C ASN A 240 7.48 10.79 -13.98
N THR A 241 6.94 9.77 -14.63
CA THR A 241 5.53 9.76 -15.08
C THR A 241 4.80 8.57 -14.48
N MET A 242 3.62 8.83 -13.94
CA MET A 242 2.62 7.79 -13.67
C MET A 242 1.57 7.91 -14.78
N ARG A 243 1.49 6.91 -15.66
CA ARG A 243 0.47 6.85 -16.75
C ARG A 243 -0.66 5.90 -16.34
N LEU A 244 -1.87 6.44 -16.24
CA LEU A 244 -3.08 5.67 -15.87
C LEU A 244 -4.05 5.68 -17.06
N TRP A 245 -4.59 4.51 -17.37
CA TRP A 245 -5.45 4.30 -18.55
C TRP A 245 -6.90 4.44 -18.12
N SER A 246 -7.67 5.12 -18.96
CA SER A 246 -9.12 5.29 -18.81
C SER A 246 -9.77 4.54 -19.96
N ALA A 247 -10.85 3.81 -19.73
CA ALA A 247 -11.57 3.06 -20.78
C ALA A 247 -12.49 4.03 -21.50
N LYS A 248 -12.52 3.92 -22.82
CA LYS A 248 -13.31 4.81 -23.71
C LYS A 248 -13.91 3.94 -24.81
N ALA A 249 -15.19 4.11 -25.10
CA ALA A 249 -15.86 3.41 -26.21
C ALA A 249 -15.35 3.97 -27.52
N PRO A 250 -15.11 3.15 -28.56
CA PRO A 250 -14.93 3.66 -29.94
C PRO A 250 -16.24 4.25 -30.48
N ASN A 251 -16.18 5.16 -31.46
CA ASN A 251 -17.37 5.99 -31.81
C ASN A 251 -18.35 5.24 -32.72
N ASP A 252 -17.94 4.10 -33.27
CA ASP A 252 -18.81 3.16 -34.05
C ASP A 252 -19.49 2.17 -33.10
N PHE A 253 -19.15 2.19 -31.80
CA PHE A 253 -19.57 1.23 -30.74
C PHE A 253 -21.10 1.17 -30.65
N ASN A 254 -21.64 -0.04 -30.88
CA ASN A 254 -23.09 -0.38 -30.87
C ASN A 254 -23.77 0.16 -32.15
N LEU A 255 -23.06 0.89 -33.03
CA LEU A 255 -23.64 1.80 -34.06
C LEU A 255 -23.33 1.32 -35.49
N GLY A 262 -32.81 1.61 -30.37
CA GLY A 262 -31.84 1.77 -31.47
C GLY A 262 -30.76 2.77 -31.08
N TYR A 263 -30.84 3.98 -31.67
CA TYR A 263 -29.74 4.99 -31.67
C TYR A 263 -29.39 5.39 -30.23
N ILE A 264 -30.42 5.75 -29.46
CA ILE A 264 -30.28 6.29 -28.08
C ILE A 264 -29.60 5.23 -27.21
N GLN A 265 -30.10 3.98 -27.24
CA GLN A 265 -29.57 2.85 -26.45
C GLN A 265 -28.13 2.57 -26.86
N ALA A 266 -27.82 2.62 -28.15
CA ALA A 266 -26.45 2.39 -28.64
C ALA A 266 -25.51 3.35 -27.93
N VAL A 267 -25.88 4.65 -27.91
CA VAL A 267 -25.06 5.69 -27.23
C VAL A 267 -24.99 5.39 -25.73
N LEU A 268 -26.10 5.04 -25.10
CA LEU A 268 -26.10 4.75 -23.63
C LEU A 268 -25.25 3.50 -23.35
N ASP A 269 -25.22 2.51 -24.25
CA ASP A 269 -24.50 1.25 -24.00
C ASP A 269 -22.99 1.47 -24.08
N ARG A 270 -22.50 2.65 -24.49
CA ARG A 270 -21.05 2.96 -24.42
C ARG A 270 -20.54 2.75 -23.00
N ASN A 271 -21.38 3.05 -22.00
CA ASN A 271 -21.13 2.86 -20.54
C ASN A 271 -20.63 1.44 -20.24
N LEU A 272 -21.09 0.41 -20.93
CA LEU A 272 -20.61 -0.98 -20.73
C LEU A 272 -19.08 -1.03 -20.85
N ALA A 273 -18.52 -0.49 -21.94
CA ALA A 273 -17.07 -0.54 -22.20
C ALA A 273 -16.34 0.31 -21.16
N GLU A 274 -16.89 1.48 -20.81
CA GLU A 274 -16.19 2.46 -19.95
C GLU A 274 -16.21 1.97 -18.50
N ASN A 275 -17.14 1.07 -18.14
CA ASN A 275 -17.19 0.45 -16.79
C ASN A 275 -15.85 -0.14 -16.40
N ILE A 276 -15.03 -0.61 -17.35
CA ILE A 276 -13.71 -1.27 -17.08
C ILE A 276 -12.86 -0.40 -16.14
N SER A 277 -12.78 0.90 -16.34
CA SER A 277 -11.92 1.79 -15.49
C SER A 277 -12.77 2.53 -14.45
N ARG A 278 -14.00 2.07 -14.16
CA ARG A 278 -14.95 2.83 -13.33
C ARG A 278 -14.54 2.75 -11.85
N VAL A 279 -14.23 1.55 -11.34
CA VAL A 279 -14.16 1.35 -9.87
C VAL A 279 -13.07 0.36 -9.46
N LEU A 280 -12.31 0.76 -8.44
CA LEU A 280 -11.28 -0.12 -7.82
C LEU A 280 -12.01 -1.23 -7.06
N TYR A 281 -11.60 -2.47 -7.26
CA TYR A 281 -12.06 -3.60 -6.42
C TYR A 281 -11.51 -3.44 -5.01
N PRO A 282 -12.38 -3.38 -3.98
CA PRO A 282 -11.98 -3.07 -2.62
C PRO A 282 -11.60 -4.26 -1.71
N ASN A 283 -11.11 -5.35 -2.26
CA ASN A 283 -10.60 -6.53 -1.51
C ASN A 283 -9.10 -6.43 -1.24
N ASP A 284 -8.75 -6.49 0.02
CA ASP A 284 -7.34 -6.54 0.47
C ASP A 284 -7.03 -8.01 0.76
N ASN A 285 -6.03 -8.60 0.09
CA ASN A 285 -5.68 -10.03 0.28
C ASN A 285 -6.94 -10.92 0.14
N PHE A 286 -7.79 -10.67 -0.86
CA PHE A 286 -8.90 -11.61 -1.19
C PHE A 286 -9.10 -11.59 -2.70
N PHE A 287 -9.03 -12.77 -3.32
CA PHE A 287 -9.34 -13.00 -4.75
C PHE A 287 -10.85 -13.17 -4.91
N GLU A 288 -11.45 -12.42 -5.84
CA GLU A 288 -12.84 -12.60 -6.36
C GLU A 288 -12.71 -12.79 -7.88
N GLY A 289 -13.10 -13.95 -8.41
CA GLY A 289 -12.99 -14.26 -9.84
C GLY A 289 -14.09 -13.60 -10.66
N LYS A 290 -14.11 -12.29 -10.75
CA LYS A 290 -15.17 -11.57 -11.50
C LYS A 290 -14.59 -11.11 -12.85
N GLU A 291 -15.38 -11.25 -13.90
CA GLU A 291 -14.98 -10.93 -15.29
C GLU A 291 -14.49 -9.46 -15.35
N LEU A 292 -15.23 -8.54 -14.73
CA LEU A 292 -14.89 -7.11 -14.80
C LEU A 292 -13.45 -6.92 -14.29
N ARG A 293 -13.06 -7.68 -13.23
CA ARG A 293 -11.69 -7.63 -12.65
C ARG A 293 -10.68 -8.18 -13.67
N LEU A 294 -11.02 -9.27 -14.34
CA LEU A 294 -10.12 -9.82 -15.38
C LEU A 294 -9.99 -8.79 -16.51
N LYS A 295 -11.05 -8.08 -16.86
CA LYS A 295 -11.03 -7.02 -17.93
C LYS A 295 -10.08 -5.90 -17.52
N GLN A 296 -10.09 -5.53 -16.24
CA GLN A 296 -9.22 -4.44 -15.74
C GLN A 296 -7.76 -4.89 -15.88
N GLU A 297 -7.49 -6.15 -15.50
CA GLU A 297 -6.15 -6.77 -15.57
C GLU A 297 -5.68 -6.82 -17.02
N TYR A 298 -6.49 -7.28 -17.98
CA TYR A 298 -6.02 -7.30 -19.39
C TYR A 298 -5.83 -5.86 -19.90
N PHE A 299 -6.79 -5.00 -19.58
CA PHE A 299 -6.86 -3.61 -20.09
C PHE A 299 -5.52 -2.90 -19.82
N VAL A 300 -5.02 -3.00 -18.60
CA VAL A 300 -3.83 -2.21 -18.19
C VAL A 300 -2.60 -2.83 -18.83
N VAL A 301 -2.61 -4.14 -18.97
CA VAL A 301 -1.49 -4.93 -19.53
C VAL A 301 -1.40 -4.65 -21.05
N ALA A 302 -2.51 -4.80 -21.78
CA ALA A 302 -2.55 -4.62 -23.25
C ALA A 302 -2.11 -3.20 -23.63
N ALA A 303 -2.66 -2.18 -22.97
CA ALA A 303 -2.38 -0.78 -23.32
C ALA A 303 -0.92 -0.44 -22.98
N THR A 304 -0.44 -0.87 -21.80
CA THR A 304 0.93 -0.63 -21.28
C THR A 304 1.97 -1.27 -22.23
N LEU A 305 1.76 -2.52 -22.66
CA LEU A 305 2.76 -3.24 -23.50
C LEU A 305 2.85 -2.62 -24.89
N GLN A 306 1.74 -2.12 -25.42
CA GLN A 306 1.76 -1.42 -26.72
C GLN A 306 2.63 -0.16 -26.60
N ASP A 307 2.45 0.60 -25.52
CA ASP A 307 3.20 1.83 -25.19
C ASP A 307 4.68 1.49 -25.01
N ILE A 308 4.98 0.42 -24.28
CA ILE A 308 6.39 0.05 -23.98
C ILE A 308 7.10 -0.26 -25.30
N ILE A 309 6.44 -1.04 -26.16
CA ILE A 309 6.99 -1.47 -27.48
C ILE A 309 7.13 -0.24 -28.39
N ARG A 310 6.12 0.64 -28.43
CA ARG A 310 6.20 1.87 -29.24
C ARG A 310 7.47 2.66 -28.83
N ARG A 311 7.69 2.88 -27.54
CA ARG A 311 8.85 3.63 -27.02
C ARG A 311 10.14 2.94 -27.43
N PHE A 312 10.22 1.60 -27.27
CA PHE A 312 11.35 0.72 -27.64
C PHE A 312 11.73 0.83 -29.14
N LYS A 313 10.74 0.93 -30.02
CA LYS A 313 10.99 0.96 -31.49
C LYS A 313 11.47 2.35 -31.91
N SER A 314 11.35 3.35 -31.04
CA SER A 314 11.80 4.75 -31.27
C SER A 314 13.14 4.99 -30.55
N SER A 315 14.09 4.07 -30.71
CA SER A 315 15.46 4.13 -30.12
C SER A 315 16.43 4.73 -31.15
N ASN A 326 14.46 -5.47 -34.00
CA ASN A 326 15.20 -6.63 -33.42
C ASN A 326 15.09 -6.63 -31.89
N PHE A 327 14.56 -7.71 -31.34
CA PHE A 327 14.06 -7.79 -29.94
C PHE A 327 15.09 -8.46 -29.04
N ASP A 328 16.26 -8.85 -29.56
CA ASP A 328 17.37 -9.37 -28.70
C ASP A 328 17.71 -8.34 -27.63
N ALA A 329 17.68 -7.05 -27.97
CA ALA A 329 18.03 -5.89 -27.13
C ALA A 329 16.87 -5.45 -26.23
N PHE A 330 15.67 -6.00 -26.42
CA PHE A 330 14.47 -5.59 -25.66
C PHE A 330 14.76 -5.64 -24.16
N PRO A 331 15.29 -6.76 -23.60
CA PRO A 331 15.51 -6.86 -22.17
C PRO A 331 16.68 -5.99 -21.69
N ASP A 332 17.50 -5.45 -22.59
CA ASP A 332 18.56 -4.49 -22.22
C ASP A 332 17.97 -3.10 -22.10
N LYS A 333 16.78 -2.87 -22.66
CA LYS A 333 16.13 -1.53 -22.75
C LYS A 333 14.83 -1.49 -21.93
N VAL A 334 14.33 -2.64 -21.47
CA VAL A 334 13.02 -2.79 -20.81
C VAL A 334 13.16 -3.74 -19.62
N ALA A 335 12.74 -3.28 -18.44
CA ALA A 335 12.37 -4.14 -17.29
C ALA A 335 10.90 -3.90 -17.04
N ILE A 336 10.13 -4.98 -16.87
CA ILE A 336 8.70 -4.91 -16.45
C ILE A 336 8.59 -5.58 -15.08
N GLN A 337 8.27 -4.82 -14.06
CA GLN A 337 8.00 -5.39 -12.72
C GLN A 337 6.49 -5.62 -12.53
N LEU A 338 6.09 -6.85 -12.21
CA LEU A 338 4.68 -7.23 -11.91
C LEU A 338 4.44 -7.13 -10.40
N ASN A 339 3.58 -6.19 -10.00
CA ASN A 339 3.15 -5.97 -8.59
C ASN A 339 2.09 -7.03 -8.29
N ASP A 340 2.54 -8.19 -7.78
CA ASP A 340 1.69 -9.38 -7.58
C ASP A 340 1.28 -9.90 -8.97
N THR A 341 0.28 -10.78 -9.00
CA THR A 341 -0.13 -11.51 -10.22
C THR A 341 -1.13 -10.64 -10.97
N HIS A 342 -1.55 -9.51 -10.38
CA HIS A 342 -2.66 -8.67 -10.93
C HIS A 342 -2.37 -8.36 -12.39
N PRO A 343 -1.11 -8.03 -12.79
CA PRO A 343 -0.73 -7.90 -14.20
C PRO A 343 0.05 -9.07 -14.81
N SER A 344 -0.20 -10.31 -14.33
CA SER A 344 0.44 -11.56 -14.83
C SER A 344 0.19 -11.74 -16.35
N LEU A 345 -0.89 -11.18 -16.88
CA LEU A 345 -1.26 -11.41 -18.32
C LEU A 345 -0.22 -10.71 -19.21
N ALA A 346 0.58 -9.79 -18.66
CA ALA A 346 1.75 -9.17 -19.32
C ALA A 346 2.65 -10.24 -19.96
N ILE A 347 2.76 -11.43 -19.34
CA ILE A 347 3.62 -12.54 -19.84
C ILE A 347 3.03 -13.17 -21.13
N PRO A 348 1.79 -13.75 -21.15
CA PRO A 348 1.19 -14.19 -22.40
C PRO A 348 1.01 -13.07 -23.44
N GLU A 349 0.76 -11.85 -22.99
CA GLU A 349 0.49 -10.71 -23.90
C GLU A 349 1.80 -10.40 -24.64
N LEU A 350 2.91 -10.38 -23.92
CA LEU A 350 4.23 -10.08 -24.54
C LEU A 350 4.54 -11.22 -25.54
N MET A 351 4.32 -12.47 -25.16
CA MET A 351 4.45 -13.63 -26.08
C MET A 351 3.59 -13.43 -27.32
N ARG A 352 2.34 -13.02 -27.15
CA ARG A 352 1.33 -12.90 -28.25
C ARG A 352 1.79 -11.83 -29.24
N VAL A 353 2.20 -10.69 -28.72
CA VAL A 353 2.73 -9.60 -29.58
C VAL A 353 4.00 -10.11 -30.30
N LEU A 354 4.95 -10.72 -29.59
CA LEU A 354 6.25 -11.14 -30.18
C LEU A 354 6.02 -12.25 -31.21
N VAL A 355 5.17 -13.23 -30.90
CA VAL A 355 4.96 -14.40 -31.79
C VAL A 355 3.98 -13.99 -32.90
N ASP A 356 2.75 -13.59 -32.57
CA ASP A 356 1.64 -13.40 -33.54
C ASP A 356 1.82 -12.11 -34.38
N LEU A 357 2.35 -11.02 -33.82
CA LEU A 357 2.42 -9.71 -34.53
C LEU A 357 3.83 -9.46 -35.09
N GLU A 358 4.88 -9.72 -34.31
CA GLU A 358 6.29 -9.42 -34.70
C GLU A 358 6.95 -10.65 -35.36
N ARG A 359 6.35 -11.83 -35.26
CA ARG A 359 6.73 -13.03 -36.06
C ARG A 359 8.06 -13.63 -35.57
N LEU A 360 8.47 -13.34 -34.34
CA LEU A 360 9.57 -14.09 -33.67
C LEU A 360 9.12 -15.54 -33.46
N ASP A 361 10.07 -16.47 -33.43
CA ASP A 361 9.78 -17.88 -33.07
C ASP A 361 9.55 -17.93 -31.56
N TRP A 362 8.85 -18.98 -31.12
CA TRP A 362 8.44 -19.19 -29.71
C TRP A 362 9.63 -19.01 -28.76
N ASP A 363 10.69 -19.79 -28.96
CA ASP A 363 11.84 -19.87 -28.03
C ASP A 363 12.50 -18.50 -27.87
N LYS A 364 12.65 -17.72 -28.95
CA LYS A 364 13.32 -16.39 -28.89
C LYS A 364 12.40 -15.41 -28.13
N ALA A 365 11.10 -15.46 -28.41
CA ALA A 365 10.09 -14.60 -27.75
C ALA A 365 10.07 -14.93 -26.25
N TRP A 366 10.20 -16.20 -25.93
CA TRP A 366 10.14 -16.68 -24.52
C TRP A 366 11.37 -16.19 -23.74
N GLU A 367 12.54 -16.23 -24.37
CA GLU A 367 13.82 -15.76 -23.77
C GLU A 367 13.65 -14.27 -23.45
N VAL A 368 13.11 -13.52 -24.41
CA VAL A 368 12.90 -12.05 -24.28
C VAL A 368 11.95 -11.79 -23.10
N THR A 369 10.84 -12.52 -23.05
CA THR A 369 9.79 -12.37 -22.00
C THR A 369 10.41 -12.62 -20.61
N VAL A 370 11.10 -13.75 -20.42
CA VAL A 370 11.66 -14.15 -19.09
C VAL A 370 12.67 -13.09 -18.63
N LYS A 371 13.58 -12.68 -19.52
CA LYS A 371 14.64 -11.67 -19.26
C LYS A 371 14.04 -10.27 -19.03
N THR A 372 12.83 -9.99 -19.54
CA THR A 372 12.14 -8.69 -19.32
C THR A 372 11.33 -8.69 -18.02
N CYS A 373 10.66 -9.78 -17.68
CA CYS A 373 9.65 -9.78 -16.58
C CYS A 373 10.26 -10.24 -15.26
N ALA A 374 9.75 -9.66 -14.18
CA ALA A 374 10.08 -9.99 -12.78
C ALA A 374 8.80 -9.86 -11.96
N TYR A 375 8.61 -10.73 -10.98
CA TYR A 375 7.35 -10.93 -10.24
C TYR A 375 7.65 -10.71 -8.76
N THR A 376 6.98 -9.75 -8.14
CA THR A 376 6.93 -9.56 -6.67
C THR A 376 5.69 -10.25 -6.10
N ASN A 377 5.87 -11.26 -5.26
CA ASN A 377 4.80 -11.93 -4.46
C ASN A 377 4.58 -11.18 -3.15
N HIS A 378 3.31 -10.91 -2.80
CA HIS A 378 2.93 -10.06 -1.64
C HIS A 378 2.25 -10.81 -0.51
N THR A 379 1.75 -12.02 -0.71
CA THR A 379 1.04 -12.80 0.33
C THR A 379 1.17 -14.30 0.08
N VAL A 380 1.02 -15.07 1.16
CA VAL A 380 0.99 -16.56 1.18
C VAL A 380 -0.44 -17.00 1.48
N LEU A 381 -1.35 -16.09 1.82
CA LEU A 381 -2.74 -16.51 2.19
C LEU A 381 -3.39 -17.13 0.97
N PRO A 382 -3.88 -18.40 1.07
CA PRO A 382 -4.41 -19.11 -0.09
C PRO A 382 -5.58 -18.41 -0.79
N GLU A 383 -6.45 -17.74 -0.03
CA GLU A 383 -7.67 -17.08 -0.54
C GLU A 383 -7.30 -15.82 -1.34
N ALA A 384 -6.05 -15.37 -1.27
CA ALA A 384 -5.57 -14.17 -1.98
C ALA A 384 -5.00 -14.54 -3.36
N LEU A 385 -4.54 -15.80 -3.56
CA LEU A 385 -3.93 -16.28 -4.82
C LEU A 385 -4.94 -16.20 -5.96
N GLU A 386 -4.56 -15.57 -7.08
CA GLU A 386 -5.43 -15.46 -8.27
C GLU A 386 -5.43 -16.78 -9.03
N ARG A 387 -6.57 -17.42 -9.09
CA ARG A 387 -6.76 -18.72 -9.79
C ARG A 387 -7.99 -18.58 -10.69
N TRP A 388 -7.79 -18.11 -11.91
CA TRP A 388 -8.86 -17.71 -12.85
C TRP A 388 -9.44 -18.95 -13.49
N PRO A 389 -10.78 -19.14 -13.45
CA PRO A 389 -11.41 -20.22 -14.20
C PRO A 389 -11.05 -20.10 -15.69
N VAL A 390 -10.81 -21.24 -16.31
CA VAL A 390 -10.39 -21.41 -17.73
C VAL A 390 -11.53 -20.90 -18.63
N HIS A 391 -12.79 -21.23 -18.32
CA HIS A 391 -13.99 -20.82 -19.12
C HIS A 391 -14.05 -19.30 -19.25
N LEU A 392 -13.58 -18.56 -18.24
CA LEU A 392 -13.51 -17.08 -18.29
C LEU A 392 -12.44 -16.65 -19.28
N LEU A 393 -11.23 -17.20 -19.16
CA LEU A 393 -10.09 -16.88 -20.08
C LEU A 393 -10.46 -17.34 -21.49
N GLU A 394 -11.14 -18.47 -21.60
CA GLU A 394 -11.55 -19.06 -22.90
C GLU A 394 -12.40 -18.05 -23.67
N THR A 395 -13.42 -17.49 -23.04
CA THR A 395 -14.38 -16.55 -23.68
C THR A 395 -13.69 -15.22 -23.99
N LEU A 396 -12.92 -14.72 -23.03
CA LEU A 396 -12.52 -13.29 -22.99
C LEU A 396 -11.19 -13.10 -23.70
N LEU A 397 -10.25 -14.05 -23.52
CA LEU A 397 -8.86 -13.96 -24.04
C LEU A 397 -8.46 -15.30 -24.64
N PRO A 398 -9.16 -15.75 -25.70
CA PRO A 398 -8.98 -17.09 -26.24
C PRO A 398 -7.51 -17.39 -26.57
N ARG A 399 -6.84 -16.42 -27.20
CA ARG A 399 -5.45 -16.56 -27.69
C ARG A 399 -4.49 -16.69 -26.48
N HIS A 400 -4.69 -15.89 -25.43
CA HIS A 400 -3.89 -15.91 -24.19
C HIS A 400 -3.99 -17.30 -23.55
N LEU A 401 -5.16 -17.94 -23.60
CA LEU A 401 -5.31 -19.28 -22.97
C LEU A 401 -4.45 -20.29 -23.75
N GLN A 402 -4.43 -20.20 -25.09
CA GLN A 402 -3.61 -21.09 -25.96
C GLN A 402 -2.15 -20.94 -25.60
N ILE A 403 -1.69 -19.70 -25.47
CA ILE A 403 -0.26 -19.38 -25.16
C ILE A 403 0.03 -19.88 -23.73
N ILE A 404 -0.93 -19.78 -22.81
CA ILE A 404 -0.74 -20.24 -21.41
C ILE A 404 -0.58 -21.76 -21.43
N TYR A 405 -1.41 -22.48 -22.21
CA TYR A 405 -1.36 -23.96 -22.35
C TYR A 405 0.00 -24.39 -22.91
N GLU A 406 0.50 -23.64 -23.90
CA GLU A 406 1.80 -23.87 -24.58
C GLU A 406 2.94 -23.62 -23.58
N ILE A 407 2.84 -22.57 -22.78
CA ILE A 407 3.84 -22.27 -21.71
C ILE A 407 3.85 -23.46 -20.74
N ASN A 408 2.67 -23.92 -20.35
CA ASN A 408 2.49 -24.99 -19.35
C ASN A 408 3.18 -26.26 -19.86
N GLN A 409 2.92 -26.65 -21.12
CA GLN A 409 3.47 -27.88 -21.75
C GLN A 409 5.00 -27.82 -21.71
N ARG A 410 5.61 -26.75 -22.24
CA ARG A 410 7.07 -26.57 -22.29
C ARG A 410 7.63 -26.52 -20.87
N PHE A 411 6.94 -25.85 -19.95
CA PHE A 411 7.40 -25.76 -18.53
C PHE A 411 7.44 -27.16 -17.87
N LEU A 412 6.36 -27.92 -17.98
CA LEU A 412 6.22 -29.28 -17.37
C LEU A 412 7.17 -30.25 -18.06
N ASN A 413 7.52 -30.00 -19.33
CA ASN A 413 8.53 -30.79 -20.06
C ASN A 413 9.91 -30.60 -19.41
N ARG A 414 10.21 -29.42 -18.87
CA ARG A 414 11.51 -29.17 -18.17
C ARG A 414 11.49 -29.79 -16.78
N VAL A 415 10.36 -29.72 -16.06
CA VAL A 415 10.14 -30.39 -14.73
C VAL A 415 10.34 -31.90 -14.90
N ALA A 416 9.66 -32.52 -15.87
CA ALA A 416 9.76 -33.98 -16.14
C ALA A 416 11.22 -34.40 -16.35
N ALA A 417 12.01 -33.63 -17.09
CA ALA A 417 13.41 -33.97 -17.45
C ALA A 417 14.32 -33.80 -16.23
N ALA A 418 14.07 -32.79 -15.39
CA ALA A 418 14.86 -32.52 -14.16
C ALA A 418 14.47 -33.48 -13.03
N PHE A 419 13.20 -33.86 -12.92
CA PHE A 419 12.67 -34.75 -11.85
C PHE A 419 11.94 -35.92 -12.49
N PRO A 420 12.63 -36.84 -13.20
CA PRO A 420 11.95 -37.92 -13.91
C PRO A 420 11.16 -38.83 -12.96
N GLY A 421 9.88 -39.05 -13.29
CA GLY A 421 9.00 -39.99 -12.57
C GLY A 421 8.21 -39.30 -11.49
N ASP A 422 8.56 -38.07 -11.14
CA ASP A 422 7.88 -37.34 -10.04
C ASP A 422 6.59 -36.75 -10.61
N VAL A 423 5.54 -37.58 -10.76
CA VAL A 423 4.29 -37.17 -11.45
C VAL A 423 3.52 -36.23 -10.53
N ASP A 424 3.66 -36.37 -9.21
CA ASP A 424 2.95 -35.49 -8.28
C ASP A 424 3.51 -34.05 -8.40
N ARG A 425 4.82 -33.93 -8.65
CA ARG A 425 5.46 -32.62 -8.84
C ARG A 425 4.77 -31.96 -10.04
N LEU A 426 4.63 -32.70 -11.13
CA LEU A 426 4.00 -32.22 -12.38
C LEU A 426 2.61 -31.64 -12.07
N ARG A 427 1.82 -32.34 -11.25
CA ARG A 427 0.45 -31.86 -10.86
C ARG A 427 0.60 -30.58 -10.03
N ARG A 428 1.47 -30.55 -9.04
CA ARG A 428 1.65 -29.42 -8.09
C ARG A 428 2.16 -28.16 -8.84
N MET A 429 2.97 -28.34 -9.87
CA MET A 429 3.68 -27.20 -10.50
C MET A 429 2.90 -26.70 -11.73
N SER A 430 1.96 -27.49 -12.25
CA SER A 430 1.14 -27.12 -13.44
C SER A 430 0.60 -25.69 -13.29
N LEU A 431 0.62 -24.92 -14.37
CA LEU A 431 -0.10 -23.63 -14.41
C LEU A 431 -1.61 -23.90 -14.36
N VAL A 432 -2.04 -25.06 -14.86
CA VAL A 432 -3.47 -25.47 -14.94
C VAL A 432 -3.79 -26.32 -13.72
N GLU A 433 -4.68 -25.86 -12.84
CA GLU A 433 -5.24 -26.68 -11.75
C GLU A 433 -6.44 -27.49 -12.25
N GLU A 434 -6.40 -28.79 -12.03
CA GLU A 434 -7.54 -29.72 -12.29
C GLU A 434 -8.50 -29.63 -11.10
N GLY A 435 -9.74 -30.08 -11.26
CA GLY A 435 -10.80 -29.98 -10.24
C GLY A 435 -12.16 -29.81 -10.87
N ALA A 436 -13.16 -29.48 -10.05
CA ALA A 436 -14.55 -29.21 -10.49
C ALA A 436 -14.49 -28.26 -11.69
N VAL A 437 -13.97 -27.05 -11.47
CA VAL A 437 -13.64 -26.07 -12.54
C VAL A 437 -12.12 -26.06 -12.67
N LYS A 438 -11.61 -26.15 -13.90
CA LYS A 438 -10.18 -25.92 -14.22
C LYS A 438 -9.89 -24.44 -13.97
N ARG A 439 -8.71 -24.13 -13.44
CA ARG A 439 -8.24 -22.75 -13.12
C ARG A 439 -6.80 -22.59 -13.62
N ILE A 440 -6.39 -21.38 -13.98
CA ILE A 440 -4.97 -21.02 -14.21
C ILE A 440 -4.43 -20.48 -12.89
N ASN A 441 -3.34 -21.05 -12.38
CA ASN A 441 -2.58 -20.48 -11.22
C ASN A 441 -1.68 -19.35 -11.77
N MET A 442 -2.11 -18.11 -11.59
CA MET A 442 -1.40 -16.92 -12.14
C MET A 442 -0.01 -16.76 -11.52
N ALA A 443 0.15 -17.17 -10.26
CA ALA A 443 1.43 -17.17 -9.53
C ALA A 443 2.42 -18.14 -10.20
N HIS A 444 1.95 -19.33 -10.55
CA HIS A 444 2.78 -20.32 -11.28
C HIS A 444 3.22 -19.71 -12.62
N LEU A 445 2.31 -19.01 -13.30
CA LEU A 445 2.60 -18.41 -14.63
C LEU A 445 3.71 -17.36 -14.47
N CYS A 446 3.61 -16.59 -13.39
CA CYS A 446 4.56 -15.50 -13.07
C CYS A 446 5.96 -16.03 -12.81
N ILE A 447 6.08 -17.17 -12.13
CA ILE A 447 7.40 -17.77 -11.77
C ILE A 447 8.03 -18.31 -13.05
N ALA A 448 7.26 -19.02 -13.87
CA ALA A 448 7.70 -19.64 -15.16
C ALA A 448 8.18 -18.52 -16.08
N GLY A 449 7.47 -17.39 -16.11
CA GLY A 449 7.65 -16.35 -17.14
C GLY A 449 8.55 -15.20 -16.69
N SER A 450 9.15 -15.28 -15.50
CA SER A 450 9.96 -14.19 -14.86
C SER A 450 11.38 -14.68 -14.61
N HIS A 451 12.40 -13.83 -14.80
CA HIS A 451 13.81 -14.15 -14.44
C HIS A 451 14.01 -13.99 -12.92
N ALA A 452 13.10 -13.33 -12.21
CA ALA A 452 13.26 -13.08 -10.76
C ALA A 452 11.89 -13.04 -10.09
N VAL A 453 11.81 -13.66 -8.93
CA VAL A 453 10.64 -13.76 -8.04
C VAL A 453 11.12 -13.31 -6.67
N ASN A 454 10.52 -12.27 -6.10
CA ASN A 454 10.94 -11.79 -4.76
C ASN A 454 9.73 -11.79 -3.82
N GLY A 455 10.00 -12.04 -2.55
CA GLY A 455 9.10 -11.66 -1.45
C GLY A 455 9.51 -10.31 -0.91
N VAL A 456 8.82 -9.88 0.13
CA VAL A 456 8.76 -8.44 0.49
C VAL A 456 9.28 -8.25 1.92
N ALA A 457 9.81 -9.32 2.51
CA ALA A 457 10.49 -9.36 3.82
C ALA A 457 11.23 -10.70 3.90
N ARG A 458 12.33 -10.77 4.64
CA ARG A 458 13.24 -11.94 4.61
C ARG A 458 12.48 -13.21 5.04
N ILE A 459 11.67 -13.15 6.08
CA ILE A 459 10.92 -14.32 6.59
C ILE A 459 9.89 -14.78 5.52
N HIS A 460 9.29 -13.82 4.79
CA HIS A 460 8.29 -14.09 3.71
C HIS A 460 8.99 -14.80 2.55
N SER A 461 10.10 -14.25 2.05
CA SER A 461 10.95 -14.86 0.99
C SER A 461 11.40 -16.28 1.39
N GLU A 462 11.74 -16.50 2.66
CA GLU A 462 12.16 -17.84 3.16
C GLU A 462 10.95 -18.78 3.10
N ILE A 463 9.78 -18.31 3.50
CA ILE A 463 8.53 -19.14 3.53
C ILE A 463 8.14 -19.54 2.10
N LEU A 464 8.39 -18.65 1.12
CA LEU A 464 8.13 -18.90 -0.33
C LEU A 464 8.99 -20.09 -0.76
N LYS A 465 10.24 -20.14 -0.31
CA LYS A 465 11.20 -21.20 -0.75
C LYS A 465 10.95 -22.52 -0.01
N LYS A 466 10.40 -22.50 1.21
CA LYS A 466 10.23 -23.67 2.08
C LYS A 466 8.85 -24.29 1.86
N THR A 467 7.83 -23.51 1.51
CA THR A 467 6.42 -23.99 1.45
C THR A 467 5.83 -23.75 0.06
N ILE A 468 5.14 -22.64 -0.22
CA ILE A 468 4.23 -22.57 -1.40
C ILE A 468 4.98 -22.66 -2.73
N PHE A 469 6.23 -22.20 -2.85
CA PHE A 469 6.97 -22.28 -4.13
C PHE A 469 8.18 -23.20 -4.00
N LYS A 470 8.17 -24.10 -3.01
CA LYS A 470 9.27 -25.08 -2.77
C LYS A 470 9.71 -25.73 -4.09
N ASP A 471 8.76 -26.30 -4.82
CA ASP A 471 8.99 -27.02 -6.11
C ASP A 471 9.69 -26.10 -7.14
N PHE A 472 9.30 -24.82 -7.23
CA PHE A 472 9.80 -23.83 -8.24
C PHE A 472 11.23 -23.44 -7.86
N TYR A 473 11.41 -23.20 -6.57
CA TYR A 473 12.74 -23.01 -5.95
C TYR A 473 13.71 -24.16 -6.30
N GLU A 474 13.29 -25.42 -6.11
CA GLU A 474 14.17 -26.59 -6.38
C GLU A 474 14.54 -26.63 -7.86
N LEU A 475 13.64 -26.22 -8.76
CA LEU A 475 13.89 -26.22 -10.23
C LEU A 475 14.83 -25.07 -10.61
N GLU A 476 14.58 -23.86 -10.09
CA GLU A 476 15.28 -22.61 -10.51
C GLU A 476 15.61 -21.80 -9.28
N PRO A 477 16.55 -22.30 -8.43
CA PRO A 477 16.89 -21.61 -7.19
C PRO A 477 17.32 -20.15 -7.43
N HIS A 478 18.02 -19.89 -8.53
CA HIS A 478 18.53 -18.57 -8.97
C HIS A 478 17.42 -17.50 -9.12
N LYS A 479 16.18 -17.84 -9.42
CA LYS A 479 15.08 -16.84 -9.57
C LYS A 479 14.67 -16.23 -8.21
N PHE A 480 14.82 -16.92 -7.08
CA PHE A 480 14.19 -16.48 -5.81
C PHE A 480 15.11 -15.51 -5.05
N GLN A 481 14.58 -14.32 -4.78
CA GLN A 481 15.29 -13.20 -4.11
C GLN A 481 14.41 -12.71 -2.96
N ASN A 482 14.99 -11.93 -2.05
CA ASN A 482 14.22 -11.10 -1.08
C ASN A 482 14.47 -9.65 -1.48
N LYS A 483 13.43 -8.83 -1.43
CA LYS A 483 13.54 -7.34 -1.40
C LYS A 483 12.62 -6.86 -0.28
N THR A 484 13.16 -6.72 0.93
CA THR A 484 12.40 -6.19 2.09
C THR A 484 11.80 -4.84 1.70
N ASN A 485 10.53 -4.66 2.00
CA ASN A 485 9.71 -3.47 1.71
C ASN A 485 10.31 -2.26 2.43
N GLY A 486 9.86 -1.09 2.03
CA GLY A 486 10.30 0.18 2.58
C GLY A 486 9.20 1.20 2.40
N ILE A 487 9.43 2.39 2.95
CA ILE A 487 8.50 3.55 2.92
C ILE A 487 9.37 4.75 2.54
N THR A 488 8.82 5.73 1.83
CA THR A 488 9.52 6.98 1.45
C THR A 488 9.58 7.89 2.67
N PRO A 489 10.78 8.26 3.14
CA PRO A 489 10.89 9.15 4.28
C PRO A 489 10.48 10.57 3.89
N ARG A 490 10.17 10.84 2.62
CA ARG A 490 9.66 12.18 2.24
C ARG A 490 8.24 12.29 2.78
N ARG A 491 7.28 11.53 2.25
CA ARG A 491 5.88 11.58 2.77
C ARG A 491 5.87 11.22 4.26
N TRP A 492 6.62 10.21 4.69
CA TRP A 492 6.39 9.50 5.98
C TRP A 492 7.27 10.06 7.11
N LEU A 493 8.05 11.10 6.83
CA LEU A 493 8.79 11.82 7.90
C LEU A 493 8.67 13.32 7.64
N VAL A 494 9.32 13.82 6.59
CA VAL A 494 9.40 15.29 6.31
C VAL A 494 8.00 15.87 6.20
N LEU A 495 7.14 15.19 5.46
CA LEU A 495 5.83 15.76 5.10
C LEU A 495 4.89 15.66 6.32
N CYS A 496 4.77 14.50 6.96
CA CYS A 496 3.75 14.28 8.01
C CYS A 496 4.26 14.71 9.39
N ASN A 497 5.58 14.89 9.57
CA ASN A 497 6.18 15.11 10.91
C ASN A 497 7.33 16.12 10.83
N PRO A 498 7.05 17.35 10.35
CA PRO A 498 8.11 18.33 10.10
C PRO A 498 8.96 18.62 11.35
N GLY A 499 8.30 18.61 12.52
CA GLY A 499 8.95 18.92 13.81
C GLY A 499 9.98 17.87 14.20
N LEU A 500 9.74 16.59 13.87
CA LEU A 500 10.72 15.52 14.13
C LEU A 500 11.84 15.65 13.11
N ALA A 501 11.50 15.79 11.84
CA ALA A 501 12.48 16.02 10.75
C ALA A 501 13.48 17.11 11.17
N GLU A 502 12.97 18.20 11.72
CA GLU A 502 13.75 19.43 12.02
C GLU A 502 14.72 19.14 13.16
N ILE A 503 14.24 18.57 14.26
CA ILE A 503 15.11 18.35 15.46
C ILE A 503 16.18 17.34 15.08
N ILE A 504 15.88 16.41 14.17
CA ILE A 504 16.92 15.51 13.61
C ILE A 504 17.89 16.34 12.77
N ALA A 505 17.36 17.13 11.82
CA ALA A 505 18.16 18.04 10.95
C ALA A 505 18.99 19.01 11.80
N GLU A 506 18.56 19.41 12.99
CA GLU A 506 19.35 20.34 13.86
C GLU A 506 20.70 19.70 14.21
N ARG A 507 20.74 18.39 14.46
CA ARG A 507 21.95 17.70 14.95
C ARG A 507 22.77 17.15 13.78
N ILE A 508 22.15 16.53 12.78
CA ILE A 508 22.90 15.72 11.78
C ILE A 508 22.73 16.26 10.35
N GLY A 509 22.07 17.40 10.17
CA GLY A 509 21.85 17.98 8.84
C GLY A 509 20.74 17.28 8.07
N GLU A 510 20.57 17.66 6.80
CA GLU A 510 19.41 17.36 5.91
C GLU A 510 19.62 16.12 5.04
N GLU A 511 20.85 15.63 4.93
CA GLU A 511 21.30 14.67 3.90
C GLU A 511 20.58 13.32 4.10
N TYR A 512 20.02 13.08 5.30
CA TYR A 512 19.42 11.78 5.72
C TYR A 512 18.09 11.57 5.00
N ILE A 513 17.47 12.64 4.54
CA ILE A 513 16.14 12.57 3.88
C ILE A 513 16.27 11.76 2.59
N SER A 514 17.44 11.74 1.95
CA SER A 514 17.68 10.91 0.74
C SER A 514 18.74 9.81 1.02
N ASP A 515 19.09 9.62 2.29
CA ASP A 515 20.08 8.63 2.74
C ASP A 515 19.74 8.27 4.18
N LEU A 516 18.66 7.50 4.39
CA LEU A 516 18.03 7.36 5.72
C LEU A 516 18.96 6.62 6.69
N ASP A 517 19.95 5.85 6.21
CA ASP A 517 20.94 5.15 7.09
C ASP A 517 21.69 6.14 7.96
N GLN A 518 21.79 7.40 7.54
CA GLN A 518 22.44 8.46 8.34
C GLN A 518 21.72 8.68 9.69
N LEU A 519 20.49 8.18 9.85
CA LEU A 519 19.75 8.28 11.14
C LEU A 519 20.52 7.54 12.24
N ARG A 520 21.40 6.59 11.90
CA ARG A 520 22.28 5.89 12.88
C ARG A 520 23.08 6.89 13.71
N LYS A 521 23.40 8.07 13.16
CA LYS A 521 24.18 9.12 13.87
C LYS A 521 23.44 9.54 15.13
N LEU A 522 22.12 9.29 15.21
CA LEU A 522 21.28 9.66 16.38
C LEU A 522 21.57 8.78 17.59
N LEU A 523 22.17 7.61 17.41
CA LEU A 523 22.53 6.72 18.55
C LEU A 523 23.51 7.43 19.48
N SER A 524 24.24 8.43 19.01
CA SER A 524 25.24 9.13 19.86
C SER A 524 24.53 10.28 20.61
N TYR A 525 23.21 10.43 20.43
CA TYR A 525 22.41 11.45 21.16
C TYR A 525 21.42 10.79 22.12
N VAL A 526 21.55 9.49 22.34
CA VAL A 526 20.63 8.65 23.18
C VAL A 526 20.73 9.08 24.64
N ASP A 527 21.84 9.71 25.05
CA ASP A 527 22.07 10.19 26.43
C ASP A 527 22.13 11.74 26.45
N ASP A 528 21.84 12.42 25.34
CA ASP A 528 21.79 13.90 25.28
C ASP A 528 20.45 14.36 25.87
N GLU A 529 20.48 15.17 26.91
CA GLU A 529 19.25 15.57 27.64
C GLU A 529 18.38 16.41 26.69
N ALA A 530 18.99 17.32 25.92
CA ALA A 530 18.27 18.29 25.06
C ALA A 530 17.52 17.50 23.99
N PHE A 531 18.22 16.56 23.33
CA PHE A 531 17.63 15.71 22.28
C PHE A 531 16.48 14.85 22.87
N ILE A 532 16.67 14.24 24.05
CA ILE A 532 15.59 13.47 24.75
C ILE A 532 14.38 14.41 24.97
N ARG A 533 14.60 15.64 25.38
CA ARG A 533 13.51 16.61 25.65
C ARG A 533 12.83 16.99 24.32
N ASP A 534 13.60 17.16 23.24
CA ASP A 534 13.08 17.54 21.90
C ASP A 534 12.27 16.40 21.30
N VAL A 535 12.78 15.18 21.35
CA VAL A 535 12.00 14.03 20.81
C VAL A 535 10.64 13.98 21.54
N ALA A 536 10.61 14.19 22.86
CA ALA A 536 9.38 14.01 23.66
C ALA A 536 8.42 15.18 23.42
N LYS A 537 8.94 16.40 23.27
CA LYS A 537 8.12 17.61 22.96
C LYS A 537 7.41 17.42 21.60
N VAL A 538 8.12 16.95 20.58
CA VAL A 538 7.52 16.78 19.23
C VAL A 538 6.35 15.78 19.33
N LYS A 539 6.53 14.69 20.07
CA LYS A 539 5.50 13.63 20.25
C LYS A 539 4.29 14.28 20.92
N GLN A 540 4.52 15.03 21.99
CA GLN A 540 3.43 15.73 22.73
C GLN A 540 2.73 16.71 21.79
N GLU A 541 3.47 17.42 20.95
CA GLU A 541 2.88 18.43 20.04
C GLU A 541 1.98 17.70 19.04
N ASN A 542 2.47 16.58 18.47
CA ASN A 542 1.73 15.73 17.49
C ASN A 542 0.45 15.20 18.13
N LYS A 543 0.52 14.83 19.41
CA LYS A 543 -0.63 14.28 20.16
C LYS A 543 -1.66 15.38 20.40
N LEU A 544 -1.24 16.55 20.88
CA LEU A 544 -2.10 17.75 21.07
C LEU A 544 -2.79 18.09 19.75
N LYS A 545 -2.04 18.15 18.65
CA LYS A 545 -2.57 18.47 17.30
C LYS A 545 -3.59 17.41 16.88
N PHE A 546 -3.34 16.12 17.12
CA PHE A 546 -4.25 15.02 16.71
C PHE A 546 -5.51 15.01 17.58
N ALA A 547 -5.35 15.18 18.89
CA ALA A 547 -6.46 15.27 19.88
C ALA A 547 -7.46 16.36 19.48
N ALA A 548 -6.92 17.48 18.99
CA ALA A 548 -7.68 18.67 18.53
C ALA A 548 -8.40 18.31 17.23
N TYR A 549 -7.70 17.65 16.30
CA TYR A 549 -8.27 17.20 15.00
C TYR A 549 -9.45 16.27 15.29
N LEU A 550 -9.36 15.43 16.31
CA LEU A 550 -10.49 14.54 16.66
C LEU A 550 -11.67 15.40 17.14
N GLU A 551 -11.45 16.37 18.03
CA GLU A 551 -12.53 17.23 18.61
C GLU A 551 -13.25 18.03 17.50
N ARG A 552 -12.53 18.72 16.62
CA ARG A 552 -13.10 19.46 15.46
C ARG A 552 -13.92 18.51 14.56
N GLU A 553 -13.25 17.65 13.79
CA GLU A 553 -13.83 16.89 12.64
C GLU A 553 -14.78 15.78 13.11
N TYR A 554 -14.71 15.33 14.38
CA TYR A 554 -15.52 14.19 14.87
C TYR A 554 -15.87 14.29 16.37
N LYS A 555 -16.12 15.49 16.90
CA LYS A 555 -16.72 15.77 18.26
C LYS A 555 -16.45 14.65 19.28
N VAL A 556 -15.19 14.24 19.48
CA VAL A 556 -14.76 13.20 20.47
C VAL A 556 -13.67 13.81 21.39
N HIS A 557 -13.62 13.41 22.67
CA HIS A 557 -12.82 14.06 23.75
C HIS A 557 -11.79 13.10 24.38
N ILE A 558 -10.54 13.11 23.87
CA ILE A 558 -9.42 12.24 24.33
C ILE A 558 -8.44 13.05 25.18
N ASN A 559 -7.93 12.43 26.25
CA ASN A 559 -6.85 12.95 27.14
C ASN A 559 -5.50 12.87 26.43
N PRO A 560 -4.83 14.00 26.13
CA PRO A 560 -3.62 13.95 25.31
C PRO A 560 -2.42 13.42 26.12
N ASN A 561 -2.58 13.21 27.43
CA ASN A 561 -1.49 12.69 28.31
C ASN A 561 -1.57 11.18 28.42
N SER A 562 -2.54 10.55 27.77
CA SER A 562 -2.68 9.08 27.71
C SER A 562 -1.66 8.55 26.71
N LEU A 563 -1.28 7.27 26.84
CA LEU A 563 -0.53 6.50 25.82
C LEU A 563 -1.47 6.26 24.62
N PHE A 564 -1.04 6.64 23.43
CA PHE A 564 -1.81 6.52 22.16
C PHE A 564 -1.42 5.16 21.57
N ASP A 565 -2.28 4.18 21.83
CA ASP A 565 -2.18 2.76 21.41
C ASP A 565 -2.96 2.70 20.10
N VAL A 566 -2.29 2.60 18.95
CA VAL A 566 -3.00 2.66 17.65
C VAL A 566 -2.69 1.42 16.82
N GLN A 567 -3.77 0.83 16.29
CA GLN A 567 -3.74 -0.22 15.24
C GLN A 567 -4.50 0.33 14.03
N VAL A 568 -3.78 0.74 12.99
CA VAL A 568 -4.41 1.22 11.74
C VAL A 568 -3.88 0.37 10.56
N LYS A 569 -4.80 -0.21 9.83
CA LYS A 569 -4.56 -1.18 8.74
C LYS A 569 -5.93 -1.72 8.30
N ARG A 570 -6.02 -2.30 7.10
CA ARG A 570 -7.29 -2.92 6.66
C ARG A 570 -7.74 -3.88 7.77
N ILE A 571 -9.05 -4.04 7.90
CA ILE A 571 -9.66 -4.99 8.86
C ILE A 571 -9.60 -6.39 8.26
N HIS A 572 -8.83 -7.27 8.88
CA HIS A 572 -8.64 -8.66 8.43
C HIS A 572 -8.46 -9.55 9.66
N GLU A 573 -8.96 -10.77 9.60
CA GLU A 573 -8.80 -11.78 10.69
C GLU A 573 -7.30 -11.99 10.97
N TYR A 574 -6.45 -12.00 9.94
CA TYR A 574 -5.02 -12.38 10.08
C TYR A 574 -4.27 -11.29 10.85
N LYS A 575 -4.75 -10.05 10.78
CA LYS A 575 -4.13 -8.87 11.41
C LYS A 575 -4.58 -8.76 12.89
N ARG A 576 -5.61 -9.53 13.26
CA ARG A 576 -6.01 -9.83 14.66
C ARG A 576 -6.28 -8.53 15.44
N GLN A 577 -7.05 -7.63 14.84
CA GLN A 577 -7.73 -6.54 15.57
C GLN A 577 -8.45 -7.17 16.76
N LEU A 578 -8.97 -8.40 16.61
CA LEU A 578 -9.73 -9.11 17.69
C LEU A 578 -8.83 -9.36 18.90
N LEU A 579 -7.55 -9.68 18.70
CA LEU A 579 -6.60 -9.85 19.81
C LEU A 579 -6.55 -8.53 20.61
N ASN A 580 -6.44 -7.41 19.89
CA ASN A 580 -6.45 -6.03 20.45
C ASN A 580 -7.75 -5.86 21.25
N CYS A 581 -8.88 -6.25 20.69
CA CYS A 581 -10.21 -6.12 21.38
C CYS A 581 -10.14 -6.87 22.72
N LEU A 582 -9.50 -8.03 22.73
CA LEU A 582 -9.45 -8.89 23.93
C LEU A 582 -8.62 -8.19 25.00
N HIS A 583 -7.51 -7.57 24.61
CA HIS A 583 -6.68 -6.77 25.55
C HIS A 583 -7.50 -5.62 26.13
N VAL A 584 -8.23 -4.89 25.27
CA VAL A 584 -9.01 -3.69 25.67
C VAL A 584 -10.06 -4.09 26.71
N ILE A 585 -10.78 -5.18 26.46
CA ILE A 585 -11.81 -5.70 27.40
C ILE A 585 -11.10 -6.15 28.69
N THR A 586 -9.90 -6.74 28.60
CA THR A 586 -9.10 -7.20 29.77
C THR A 586 -8.78 -5.98 30.65
N LEU A 587 -8.30 -4.88 30.06
CA LEU A 587 -7.99 -3.62 30.80
C LEU A 587 -9.25 -3.12 31.50
N TYR A 588 -10.37 -3.11 30.78
CA TYR A 588 -11.70 -2.67 31.28
C TYR A 588 -12.07 -3.51 32.50
N ASN A 589 -12.00 -4.83 32.35
CA ASN A 589 -12.41 -5.77 33.43
C ASN A 589 -11.52 -5.59 34.67
N ARG A 590 -10.23 -5.33 34.47
CA ARG A 590 -9.25 -5.11 35.56
C ARG A 590 -9.54 -3.79 36.28
N ILE A 591 -9.92 -2.74 35.55
CA ILE A 591 -10.26 -1.42 36.16
C ILE A 591 -11.50 -1.63 37.02
N LYS A 592 -12.53 -2.30 36.50
CA LYS A 592 -13.82 -2.50 37.22
C LYS A 592 -13.60 -3.35 38.49
N LYS A 593 -12.70 -4.31 38.43
CA LYS A 593 -12.36 -5.24 39.54
C LYS A 593 -11.67 -4.45 40.67
N GLU A 594 -10.77 -3.52 40.30
CA GLU A 594 -10.00 -2.66 41.23
C GLU A 594 -10.09 -1.22 40.74
N PRO A 595 -11.23 -0.55 40.98
CA PRO A 595 -11.43 0.81 40.47
C PRO A 595 -10.36 1.80 40.94
N ASN A 596 -9.86 1.62 42.16
CA ASN A 596 -9.09 2.66 42.92
C ASN A 596 -7.59 2.40 42.80
N LYS A 597 -7.18 1.54 41.87
CA LYS A 597 -5.74 1.24 41.63
C LYS A 597 -5.26 2.02 40.41
N PHE A 598 -4.02 2.49 40.41
CA PHE A 598 -3.41 3.23 39.28
C PHE A 598 -3.17 2.28 38.10
N VAL A 599 -3.56 2.72 36.92
CA VAL A 599 -3.25 2.08 35.60
C VAL A 599 -2.74 3.20 34.70
N VAL A 600 -1.70 2.96 33.91
CA VAL A 600 -1.26 3.97 32.91
C VAL A 600 -2.48 4.23 32.02
N PRO A 601 -2.94 5.48 31.89
CA PRO A 601 -4.07 5.78 31.03
C PRO A 601 -3.73 5.56 29.55
N ARG A 602 -4.67 5.02 28.78
CA ARG A 602 -4.47 4.81 27.33
C ARG A 602 -5.67 5.33 26.55
N THR A 603 -5.37 5.86 25.36
CA THR A 603 -6.34 6.04 24.25
C THR A 603 -6.03 4.94 23.25
N VAL A 604 -6.93 3.97 23.17
CA VAL A 604 -6.82 2.87 22.17
C VAL A 604 -7.60 3.31 20.95
N MET A 605 -6.88 3.48 19.85
CA MET A 605 -7.42 3.90 18.55
C MET A 605 -7.21 2.74 17.56
N ILE A 606 -8.31 2.24 16.99
CA ILE A 606 -8.29 1.21 15.92
C ILE A 606 -9.01 1.76 14.70
N GLY A 607 -8.42 1.58 13.54
CA GLY A 607 -8.97 2.14 12.31
C GLY A 607 -8.63 1.23 11.16
N GLY A 608 -9.53 1.15 10.19
CA GLY A 608 -9.34 0.36 8.98
C GLY A 608 -10.65 0.27 8.28
N LYS A 609 -10.61 0.07 6.96
CA LYS A 609 -11.79 -0.32 6.15
C LYS A 609 -11.87 -1.83 6.06
N ALA A 610 -13.10 -2.37 6.06
CA ALA A 610 -13.40 -3.78 5.74
C ALA A 610 -13.86 -3.89 4.29
N ALA A 611 -13.48 -4.94 3.56
CA ALA A 611 -14.04 -5.20 2.21
C ALA A 611 -15.55 -5.30 2.34
N PRO A 612 -16.34 -4.65 1.47
CA PRO A 612 -17.79 -4.58 1.63
C PRO A 612 -18.53 -5.90 1.83
N GLY A 613 -18.05 -7.01 1.25
CA GLY A 613 -18.70 -8.33 1.40
C GLY A 613 -18.02 -9.26 2.42
N TYR A 614 -17.13 -8.74 3.27
CA TYR A 614 -16.33 -9.50 4.27
C TYR A 614 -17.07 -9.41 5.62
N HIS A 615 -18.06 -10.29 5.81
CA HIS A 615 -18.99 -10.28 6.96
C HIS A 615 -18.21 -10.13 8.29
N MET A 616 -17.23 -11.01 8.50
CA MET A 616 -16.49 -11.09 9.79
C MET A 616 -15.79 -9.75 10.05
N ALA A 617 -15.16 -9.15 9.04
CA ALA A 617 -14.45 -7.86 9.17
C ALA A 617 -15.46 -6.78 9.58
N LYS A 618 -16.67 -6.83 9.03
CA LYS A 618 -17.73 -5.86 9.35
C LYS A 618 -18.17 -6.07 10.80
N MET A 619 -18.17 -7.31 11.29
CA MET A 619 -18.58 -7.61 12.68
C MET A 619 -17.52 -7.06 13.64
N ILE A 620 -16.24 -7.18 13.31
CA ILE A 620 -15.09 -6.70 14.14
C ILE A 620 -15.19 -5.18 14.33
N ILE A 621 -15.47 -4.41 13.28
CA ILE A 621 -15.70 -2.93 13.36
C ILE A 621 -16.83 -2.69 14.38
N LYS A 622 -17.95 -3.39 14.21
CA LYS A 622 -19.13 -3.25 15.12
C LYS A 622 -18.74 -3.59 16.57
N LEU A 623 -17.95 -4.63 16.79
CA LEU A 623 -17.47 -5.00 18.15
C LEU A 623 -16.61 -3.87 18.71
N ILE A 624 -15.70 -3.33 17.89
CA ILE A 624 -14.78 -2.24 18.32
C ILE A 624 -15.62 -1.08 18.84
N THR A 625 -16.60 -0.63 18.05
CA THR A 625 -17.44 0.54 18.39
C THR A 625 -18.30 0.19 19.61
N ALA A 626 -18.72 -1.07 19.74
CA ALA A 626 -19.61 -1.56 20.84
C ALA A 626 -18.82 -1.59 22.16
N ILE A 627 -17.52 -1.90 22.10
CA ILE A 627 -16.63 -1.83 23.30
C ILE A 627 -16.53 -0.36 23.71
N GLY A 628 -16.23 0.53 22.76
CA GLY A 628 -16.22 2.00 22.92
C GLY A 628 -17.48 2.53 23.60
N ASP A 629 -18.67 2.15 23.12
CA ASP A 629 -19.97 2.57 23.69
C ASP A 629 -20.03 2.18 25.16
N VAL A 630 -19.45 1.05 25.57
CA VAL A 630 -19.46 0.61 27.00
C VAL A 630 -18.33 1.36 27.74
N VAL A 631 -17.11 1.31 27.21
CA VAL A 631 -15.90 1.75 27.96
C VAL A 631 -15.91 3.28 28.13
N ASN A 632 -16.23 4.02 27.07
CA ASN A 632 -16.11 5.50 27.05
C ASN A 632 -17.21 6.15 27.90
N HIS A 633 -18.27 5.44 28.27
CA HIS A 633 -19.41 6.02 29.04
C HIS A 633 -19.46 5.46 30.46
N ASP A 634 -18.46 4.67 30.89
CA ASP A 634 -18.37 4.14 32.28
C ASP A 634 -17.74 5.21 33.17
N PRO A 635 -18.48 5.75 34.16
CA PRO A 635 -17.94 6.78 35.07
C PRO A 635 -16.71 6.32 35.87
N VAL A 636 -16.68 5.05 36.26
CA VAL A 636 -15.59 4.48 37.09
C VAL A 636 -14.27 4.50 36.29
N VAL A 637 -14.33 4.40 34.97
CA VAL A 637 -13.13 4.30 34.09
C VAL A 637 -12.45 5.67 34.04
N GLY A 638 -13.23 6.73 33.82
CA GLY A 638 -12.74 8.12 33.73
C GLY A 638 -12.09 8.34 32.39
N ASP A 639 -11.02 9.13 32.34
CA ASP A 639 -10.19 9.23 31.11
C ASP A 639 -8.99 8.28 31.27
N ARG A 640 -9.12 7.20 32.04
CA ARG A 640 -8.05 6.18 32.15
C ARG A 640 -8.04 5.27 30.92
N LEU A 641 -9.19 5.02 30.29
CA LEU A 641 -9.27 4.16 29.10
C LEU A 641 -10.32 4.71 28.13
N ARG A 642 -9.91 5.07 26.91
CA ARG A 642 -10.83 5.45 25.81
C ARG A 642 -10.59 4.52 24.62
N VAL A 643 -11.66 4.15 23.93
CA VAL A 643 -11.60 3.28 22.72
C VAL A 643 -12.23 4.06 21.56
N ILE A 644 -11.43 4.38 20.55
CA ILE A 644 -11.85 5.20 19.39
C ILE A 644 -11.68 4.34 18.13
N PHE A 645 -12.75 4.18 17.36
CA PHE A 645 -12.66 3.69 15.97
C PHE A 645 -12.36 4.87 15.07
N LEU A 646 -11.18 4.89 14.44
CA LEU A 646 -10.79 5.98 13.50
C LEU A 646 -11.46 5.75 12.14
N GLU A 647 -12.46 6.56 11.84
CA GLU A 647 -13.31 6.47 10.62
C GLU A 647 -12.46 6.81 9.39
N ASN A 648 -12.69 6.11 8.29
CA ASN A 648 -12.17 6.40 6.93
C ASN A 648 -10.63 6.42 6.91
N TYR A 649 -10.00 5.43 7.55
CA TYR A 649 -8.52 5.31 7.51
C TYR A 649 -8.12 5.27 6.04
N ARG A 650 -7.22 6.18 5.68
CA ARG A 650 -6.69 6.40 4.33
C ARG A 650 -5.33 7.06 4.51
N VAL A 651 -4.62 7.31 3.41
CA VAL A 651 -3.24 7.86 3.42
C VAL A 651 -3.20 9.17 4.23
N SER A 652 -4.15 10.08 4.01
CA SER A 652 -4.08 11.43 4.62
C SER A 652 -4.38 11.35 6.12
N LEU A 653 -5.17 10.35 6.56
CA LEU A 653 -5.40 10.11 8.01
C LEU A 653 -4.15 9.44 8.62
N ALA A 654 -3.47 8.56 7.89
CA ALA A 654 -2.19 7.95 8.31
C ALA A 654 -1.13 9.05 8.55
N GLU A 655 -1.11 10.09 7.71
CA GLU A 655 -0.12 11.19 7.88
C GLU A 655 -0.39 11.92 9.19
N LYS A 656 -1.60 11.88 9.73
CA LYS A 656 -1.94 12.64 10.97
C LYS A 656 -1.74 11.76 12.21
N VAL A 657 -2.18 10.51 12.17
CA VAL A 657 -2.33 9.67 13.39
C VAL A 657 -0.99 8.98 13.68
N ILE A 658 -0.22 8.66 12.65
CA ILE A 658 1.05 7.91 12.84
C ILE A 658 2.03 8.81 13.61
N PRO A 659 2.27 10.08 13.24
CA PRO A 659 3.12 10.95 14.08
C PRO A 659 2.62 11.15 15.52
N ALA A 660 1.33 10.94 15.78
CA ALA A 660 0.74 11.09 17.12
C ALA A 660 0.86 9.82 17.96
N ALA A 661 1.27 8.69 17.38
CA ALA A 661 1.20 7.36 18.05
C ALA A 661 2.38 7.15 19.02
N ASP A 662 2.08 6.53 20.16
CA ASP A 662 3.09 6.07 21.14
C ASP A 662 3.39 4.58 20.89
N LEU A 663 2.36 3.76 20.74
CA LEU A 663 2.48 2.29 20.56
C LEU A 663 1.89 1.85 19.22
N SER A 664 2.72 1.24 18.37
CA SER A 664 2.35 0.60 17.09
C SER A 664 1.98 -0.89 17.32
N GLU A 665 0.75 -1.24 16.97
CA GLU A 665 0.18 -2.59 17.12
C GLU A 665 0.37 -3.34 15.80
N GLN A 666 1.29 -4.31 15.81
CA GLN A 666 1.66 -5.17 14.65
C GLN A 666 1.56 -6.65 15.07
N ILE A 667 0.36 -7.19 15.13
CA ILE A 667 0.01 -8.36 16.00
C ILE A 667 -0.60 -9.46 15.15
N SER A 668 -0.31 -9.46 13.86
CA SER A 668 -0.62 -10.55 12.90
C SER A 668 -0.09 -11.87 13.48
N THR A 669 -0.77 -12.98 13.24
CA THR A 669 -0.27 -14.36 13.54
C THR A 669 1.00 -14.57 12.72
N ALA A 670 2.08 -15.02 13.33
CA ALA A 670 3.37 -15.30 12.64
C ALA A 670 3.10 -16.13 11.37
N GLY A 671 3.56 -15.60 10.25
CA GLY A 671 3.47 -16.27 8.94
C GLY A 671 2.39 -15.70 8.05
N THR A 672 1.62 -14.70 8.49
CA THR A 672 0.46 -14.18 7.72
C THR A 672 0.78 -12.81 7.13
N GLU A 673 1.44 -11.90 7.86
CA GLU A 673 1.81 -10.55 7.32
C GLU A 673 3.12 -10.70 6.54
N ALA A 674 3.05 -10.73 5.21
CA ALA A 674 4.20 -10.97 4.31
C ALA A 674 5.33 -10.04 4.75
N SER A 675 4.97 -8.77 4.98
CA SER A 675 5.94 -7.71 5.33
C SER A 675 5.29 -6.73 6.32
N GLY A 676 4.22 -6.08 5.86
CA GLY A 676 3.70 -4.85 6.47
C GLY A 676 4.57 -3.67 6.12
N THR A 677 3.98 -2.49 6.08
CA THR A 677 4.69 -1.19 5.88
C THR A 677 4.28 -0.15 6.91
N GLY A 678 3.06 -0.26 7.44
CA GLY A 678 2.65 0.54 8.61
C GLY A 678 3.70 0.45 9.71
N ASN A 679 4.18 -0.76 9.98
CA ASN A 679 5.14 -1.03 11.07
C ASN A 679 6.30 -0.02 10.91
N MET A 680 6.79 0.11 9.68
CA MET A 680 7.92 1.00 9.34
C MET A 680 7.54 2.46 9.55
N LYS A 681 6.33 2.85 9.15
CA LYS A 681 5.94 4.25 9.26
C LYS A 681 6.01 4.73 10.71
N PHE A 682 5.57 3.86 11.63
CA PHE A 682 5.49 4.18 13.04
C PHE A 682 6.87 4.18 13.68
N MET A 683 7.72 3.22 13.32
CA MET A 683 9.13 3.17 13.77
C MET A 683 9.82 4.50 13.43
N LEU A 684 9.54 5.05 12.24
CA LEU A 684 10.21 6.26 11.73
C LEU A 684 9.74 7.48 12.54
N ASN A 685 8.53 7.41 13.12
CA ASN A 685 7.77 8.56 13.66
C ASN A 685 7.68 8.52 15.19
N GLY A 686 8.48 7.69 15.86
CA GLY A 686 8.75 7.83 17.30
C GLY A 686 7.75 7.06 18.15
N ALA A 687 7.22 5.96 17.61
CA ALA A 687 6.32 5.05 18.33
C ALA A 687 7.11 3.76 18.58
N LEU A 688 6.85 3.11 19.71
CA LEU A 688 7.41 1.78 20.03
C LEU A 688 6.45 0.75 19.46
N THR A 689 6.97 -0.40 19.07
CA THR A 689 6.19 -1.48 18.41
C THR A 689 5.89 -2.59 19.41
N ILE A 690 4.61 -2.97 19.56
CA ILE A 690 4.24 -4.29 20.15
C ILE A 690 3.89 -5.20 18.98
N GLY A 691 4.62 -6.30 18.79
CA GLY A 691 4.37 -7.14 17.62
C GLY A 691 4.92 -8.53 17.74
N THR A 692 4.42 -9.39 16.86
CA THR A 692 4.86 -10.77 16.60
C THR A 692 6.11 -10.75 15.69
N MET A 693 6.88 -11.84 15.77
CA MET A 693 7.99 -12.12 14.83
C MET A 693 7.37 -12.56 13.49
N ASP A 694 6.81 -11.57 12.80
CA ASP A 694 6.09 -11.71 11.53
C ASP A 694 6.59 -10.64 10.56
N GLY A 695 6.68 -10.95 9.27
CA GLY A 695 6.96 -9.92 8.23
C GLY A 695 8.24 -9.17 8.55
N ALA A 696 8.25 -7.88 8.27
CA ALA A 696 9.42 -7.01 8.51
C ALA A 696 9.54 -6.67 10.00
N ASN A 697 8.56 -7.04 10.86
CA ASN A 697 8.73 -6.91 12.33
C ASN A 697 10.08 -7.54 12.71
N VAL A 698 10.42 -8.69 12.10
CA VAL A 698 11.64 -9.46 12.45
C VAL A 698 12.89 -8.61 12.16
N GLU A 699 12.93 -7.96 11.00
CA GLU A 699 14.11 -7.16 10.56
C GLU A 699 14.14 -5.86 11.35
N MET A 700 12.97 -5.33 11.74
CA MET A 700 12.89 -4.08 12.56
C MET A 700 13.52 -4.33 13.94
N ALA A 701 13.13 -5.43 14.59
CA ALA A 701 13.64 -5.88 15.91
C ALA A 701 15.15 -6.15 15.82
N GLU A 702 15.59 -6.78 14.74
CA GLU A 702 17.02 -7.05 14.52
C GLU A 702 17.78 -5.71 14.32
N GLU A 703 17.21 -4.72 13.64
CA GLU A 703 17.90 -3.42 13.43
C GLU A 703 17.99 -2.67 14.77
N ALA A 704 16.88 -2.55 15.48
CA ALA A 704 16.82 -1.78 16.74
C ALA A 704 17.44 -2.56 17.93
N GLY A 705 17.51 -3.88 17.86
CA GLY A 705 17.76 -4.75 19.02
C GLY A 705 16.46 -5.20 19.65
N GLU A 706 16.36 -6.48 19.98
CA GLU A 706 15.15 -7.12 20.54
C GLU A 706 14.75 -6.42 21.84
N GLU A 707 15.70 -5.89 22.62
CA GLU A 707 15.44 -5.19 23.91
C GLU A 707 14.74 -3.85 23.66
N ASN A 708 14.62 -3.40 22.42
CA ASN A 708 14.02 -2.07 22.08
C ASN A 708 12.72 -2.30 21.34
N PHE A 709 12.17 -3.50 21.48
CA PHE A 709 10.96 -3.98 20.78
C PHE A 709 10.12 -4.81 21.75
N PHE A 710 8.80 -4.63 21.74
CA PHE A 710 7.84 -5.40 22.58
C PHE A 710 7.39 -6.60 21.76
N ILE A 711 8.26 -7.60 21.64
CA ILE A 711 8.02 -8.87 20.90
C ILE A 711 7.28 -9.83 21.82
N PHE A 712 6.25 -10.47 21.30
CA PHE A 712 5.51 -11.52 22.03
C PHE A 712 5.01 -12.56 21.02
N GLY A 713 4.62 -13.69 21.57
CA GLY A 713 3.71 -14.63 20.89
C GLY A 713 4.46 -15.72 20.16
N MET A 714 3.69 -16.57 19.48
CA MET A 714 4.21 -17.70 18.70
C MET A 714 5.15 -17.11 17.64
N ARG A 715 6.27 -17.77 17.43
CA ARG A 715 7.05 -17.70 16.18
C ARG A 715 6.34 -18.56 15.12
N VAL A 716 6.81 -18.46 13.88
CA VAL A 716 6.38 -19.34 12.74
C VAL A 716 6.45 -20.81 13.19
N GLU A 717 7.55 -21.23 13.81
CA GLU A 717 7.79 -22.65 14.21
C GLU A 717 6.71 -23.13 15.19
N ASP A 718 6.27 -22.25 16.09
CA ASP A 718 5.30 -22.59 17.18
C ASP A 718 3.93 -22.78 16.55
N VAL A 719 3.56 -21.93 15.60
CA VAL A 719 2.25 -22.03 14.89
C VAL A 719 2.18 -23.39 14.19
N ASP A 720 3.23 -23.73 13.43
CA ASP A 720 3.44 -25.05 12.78
C ASP A 720 3.25 -26.18 13.80
N ARG A 721 3.84 -26.09 15.00
CA ARG A 721 3.75 -27.15 16.05
C ARG A 721 2.29 -27.26 16.50
N LEU A 722 1.60 -26.13 16.66
CA LEU A 722 0.17 -26.12 17.02
C LEU A 722 -0.68 -26.77 15.91
N ASP A 723 -0.35 -26.53 14.64
CA ASP A 723 -1.10 -27.06 13.46
C ASP A 723 -0.95 -28.59 13.42
N GLN A 724 0.27 -29.09 13.62
CA GLN A 724 0.58 -30.54 13.51
C GLN A 724 -0.36 -31.26 14.45
N ARG A 725 -0.48 -30.81 15.70
CA ARG A 725 -1.25 -31.54 16.73
C ARG A 725 -2.70 -31.05 16.80
N GLY A 726 -3.03 -29.87 16.24
CA GLY A 726 -4.40 -29.32 16.17
C GLY A 726 -4.62 -28.18 17.16
N TYR A 727 -5.21 -27.08 16.71
CA TYR A 727 -5.51 -25.89 17.56
C TYR A 727 -6.86 -26.10 18.24
N ASN A 728 -6.86 -26.33 19.55
CA ASN A 728 -8.07 -26.41 20.41
C ASN A 728 -8.16 -25.14 21.27
N ALA A 729 -9.02 -24.22 20.84
CA ALA A 729 -9.29 -22.91 21.49
C ALA A 729 -9.89 -23.16 22.88
N GLN A 730 -10.68 -24.21 23.01
CA GLN A 730 -11.33 -24.60 24.29
C GLN A 730 -10.23 -24.65 25.38
N GLU A 731 -9.10 -25.28 25.09
CA GLU A 731 -7.97 -25.46 26.03
C GLU A 731 -7.59 -24.12 26.69
N TYR A 732 -7.49 -23.03 25.91
CA TYR A 732 -7.15 -21.67 26.41
C TYR A 732 -8.33 -21.10 27.20
N TYR A 733 -9.54 -21.22 26.66
CA TYR A 733 -10.78 -20.80 27.36
C TYR A 733 -10.84 -21.46 28.75
N ASP A 734 -10.46 -22.74 28.85
CA ASP A 734 -10.60 -23.54 30.11
C ASP A 734 -9.51 -23.17 31.11
N ARG A 735 -8.35 -22.66 30.67
CA ARG A 735 -7.17 -22.43 31.54
C ARG A 735 -6.98 -20.95 31.88
N ILE A 736 -7.66 -20.05 31.18
CA ILE A 736 -7.43 -18.58 31.36
C ILE A 736 -8.73 -17.95 31.81
N PRO A 737 -8.92 -17.83 33.15
CA PRO A 737 -10.16 -17.27 33.71
C PRO A 737 -10.49 -15.90 33.11
N GLU A 738 -9.48 -15.06 32.94
CA GLU A 738 -9.62 -13.68 32.41
C GLU A 738 -10.23 -13.75 31.02
N LEU A 739 -9.88 -14.77 30.24
CA LEU A 739 -10.34 -14.96 28.83
C LEU A 739 -11.78 -15.51 28.83
N ARG A 740 -12.08 -16.42 29.74
CA ARG A 740 -13.43 -17.01 29.88
C ARG A 740 -14.42 -15.87 30.14
N GLN A 741 -14.10 -14.98 31.07
CA GLN A 741 -14.95 -13.81 31.41
C GLN A 741 -15.26 -13.01 30.13
N ILE A 742 -14.24 -12.67 29.35
CA ILE A 742 -14.46 -11.86 28.12
C ILE A 742 -15.45 -12.60 27.21
N ILE A 743 -15.28 -13.91 27.03
CA ILE A 743 -16.08 -14.74 26.10
C ILE A 743 -17.52 -14.79 26.62
N GLU A 744 -17.70 -14.92 27.93
CA GLU A 744 -19.04 -14.93 28.56
C GLU A 744 -19.69 -13.56 28.33
N GLN A 745 -18.95 -12.47 28.48
CA GLN A 745 -19.49 -11.09 28.32
C GLN A 745 -19.96 -10.92 26.88
N LEU A 746 -19.14 -11.33 25.91
CA LEU A 746 -19.46 -11.26 24.46
C LEU A 746 -20.76 -12.02 24.17
N SER A 747 -20.84 -13.28 24.65
CA SER A 747 -21.96 -14.24 24.43
C SER A 747 -23.25 -13.74 25.04
N SER A 748 -23.19 -13.23 26.26
CA SER A 748 -24.38 -12.94 27.11
C SER A 748 -24.96 -11.57 26.77
N GLY A 749 -24.27 -10.77 25.96
CA GLY A 749 -24.78 -9.46 25.52
C GLY A 749 -24.35 -8.31 26.42
N PHE A 750 -23.28 -8.47 27.19
CA PHE A 750 -22.69 -7.37 27.98
C PHE A 750 -22.44 -6.18 27.04
N PHE A 751 -21.96 -6.41 25.82
CA PHE A 751 -21.54 -5.35 24.88
C PHE A 751 -22.63 -5.07 23.83
N SER A 752 -23.76 -5.78 23.88
CA SER A 752 -24.89 -5.62 22.94
C SER A 752 -26.21 -5.93 23.65
N PRO A 753 -26.65 -5.05 24.59
CA PRO A 753 -27.80 -5.34 25.46
C PRO A 753 -29.11 -5.58 24.69
N LYS A 754 -29.32 -4.85 23.60
CA LYS A 754 -30.59 -4.88 22.83
C LYS A 754 -30.57 -6.07 21.87
N GLN A 755 -29.39 -6.50 21.43
CA GLN A 755 -29.21 -7.74 20.62
C GLN A 755 -28.20 -8.61 21.36
N PRO A 756 -28.63 -9.40 22.37
CA PRO A 756 -27.69 -10.22 23.14
C PRO A 756 -26.81 -11.18 22.32
N ASP A 757 -27.30 -11.64 21.17
CA ASP A 757 -26.60 -12.67 20.35
C ASP A 757 -25.87 -12.00 19.18
N LEU A 758 -25.71 -10.68 19.20
CA LEU A 758 -25.16 -9.91 18.06
C LEU A 758 -23.80 -10.48 17.62
N PHE A 759 -22.99 -10.92 18.59
CA PHE A 759 -21.57 -11.32 18.40
C PHE A 759 -21.40 -12.85 18.51
N LYS A 760 -22.43 -13.64 18.20
CA LYS A 760 -22.35 -15.12 18.31
C LYS A 760 -21.37 -15.62 17.24
N ASP A 761 -21.32 -14.95 16.08
CA ASP A 761 -20.46 -15.41 14.97
C ASP A 761 -19.00 -15.25 15.40
N ILE A 762 -18.70 -14.17 16.12
CA ILE A 762 -17.33 -13.86 16.62
C ILE A 762 -16.95 -14.94 17.65
N VAL A 763 -17.78 -15.12 18.66
CA VAL A 763 -17.51 -16.12 19.74
C VAL A 763 -17.32 -17.49 19.08
N ASN A 764 -18.23 -17.86 18.18
CA ASN A 764 -18.29 -19.18 17.51
C ASN A 764 -17.02 -19.39 16.68
N MET A 765 -16.51 -18.35 16.04
CA MET A 765 -15.30 -18.42 15.20
C MET A 765 -14.05 -18.57 16.11
N LEU A 766 -13.95 -17.80 17.21
CA LEU A 766 -12.80 -17.84 18.15
C LEU A 766 -12.73 -19.21 18.84
N MET A 767 -13.87 -19.85 19.06
CA MET A 767 -14.00 -21.16 19.77
C MET A 767 -13.80 -22.35 18.81
N HIS A 768 -14.22 -22.28 17.55
CA HIS A 768 -14.23 -23.48 16.66
C HIS A 768 -13.48 -23.30 15.33
N HIS A 769 -13.35 -22.10 14.75
CA HIS A 769 -12.79 -21.98 13.37
C HIS A 769 -11.83 -20.80 13.30
N ASP A 770 -10.98 -20.61 14.31
CA ASP A 770 -9.97 -19.52 14.30
C ASP A 770 -8.73 -20.01 13.56
N ARG A 771 -8.59 -19.64 12.29
CA ARG A 771 -7.36 -19.91 11.48
C ARG A 771 -6.18 -19.18 12.09
N PHE A 772 -6.41 -18.11 12.86
CA PHE A 772 -5.31 -17.18 13.26
C PHE A 772 -4.97 -17.26 14.76
N LYS A 773 -5.56 -18.21 15.48
CA LYS A 773 -5.05 -18.66 16.81
C LYS A 773 -4.96 -17.44 17.74
N VAL A 774 -6.01 -16.62 17.77
CA VAL A 774 -6.15 -15.42 18.63
C VAL A 774 -5.92 -15.80 20.09
N PHE A 775 -6.49 -16.90 20.60
CA PHE A 775 -6.34 -17.28 22.03
C PHE A 775 -4.90 -17.70 22.31
N ALA A 776 -4.20 -18.27 21.33
CA ALA A 776 -2.85 -18.84 21.54
C ALA A 776 -1.89 -17.72 21.96
N ASP A 777 -2.12 -16.49 21.51
CA ASP A 777 -1.19 -15.36 21.75
C ASP A 777 -1.72 -14.46 22.88
N TYR A 778 -2.91 -14.75 23.42
CA TYR A 778 -3.63 -13.83 24.33
C TYR A 778 -2.79 -13.53 25.56
N GLU A 779 -2.34 -14.58 26.27
CA GLU A 779 -1.61 -14.45 27.56
C GLU A 779 -0.30 -13.67 27.39
N GLU A 780 0.53 -14.09 26.44
CA GLU A 780 1.86 -13.46 26.14
C GLU A 780 1.65 -12.02 25.72
N TYR A 781 0.59 -11.71 24.96
CA TYR A 781 0.19 -10.34 24.55
C TYR A 781 -0.14 -9.47 25.78
N VAL A 782 -1.04 -9.94 26.65
CA VAL A 782 -1.47 -9.11 27.82
C VAL A 782 -0.25 -8.81 28.71
N LYS A 783 0.59 -9.83 28.98
CA LYS A 783 1.82 -9.71 29.80
C LYS A 783 2.72 -8.66 29.16
N CYS A 784 2.92 -8.75 27.85
CA CYS A 784 3.79 -7.84 27.09
C CYS A 784 3.24 -6.41 27.16
N GLN A 785 1.91 -6.25 27.01
CA GLN A 785 1.18 -4.95 27.19
C GLN A 785 1.37 -4.37 28.61
N GLU A 786 1.60 -5.20 29.63
CA GLU A 786 1.91 -4.72 31.01
C GLU A 786 3.32 -4.14 31.01
N ARG A 787 4.26 -4.76 30.29
CA ARG A 787 5.65 -4.27 30.17
C ARG A 787 5.65 -2.91 29.46
N VAL A 788 4.71 -2.68 28.55
CA VAL A 788 4.58 -1.42 27.77
C VAL A 788 4.19 -0.30 28.74
N SER A 789 3.16 -0.55 29.54
CA SER A 789 2.60 0.41 30.52
C SER A 789 3.69 0.78 31.53
N ALA A 790 4.51 -0.18 31.94
CA ALA A 790 5.59 -0.01 32.94
C ALA A 790 6.62 0.94 32.34
N LEU A 791 7.02 0.73 31.08
CA LEU A 791 8.07 1.59 30.47
C LEU A 791 7.51 3.00 30.30
N TYR A 792 6.23 3.12 29.97
CA TYR A 792 5.58 4.43 29.72
C TYR A 792 5.56 5.27 31.00
N LYS A 793 5.51 4.63 32.18
CA LYS A 793 5.57 5.31 33.51
C LYS A 793 6.90 6.04 33.69
N ASN A 794 7.93 5.65 32.94
CA ASN A 794 9.28 6.25 32.97
C ASN A 794 9.54 6.98 31.65
N PRO A 795 9.04 8.23 31.49
CA PRO A 795 9.17 8.98 30.23
C PRO A 795 10.57 9.00 29.60
N ARG A 796 11.60 9.13 30.41
CA ARG A 796 12.99 9.31 29.92
C ARG A 796 13.44 8.01 29.25
N GLU A 797 13.15 6.86 29.86
CA GLU A 797 13.56 5.53 29.33
C GLU A 797 12.67 5.15 28.14
N TRP A 798 11.42 5.60 28.14
CA TRP A 798 10.53 5.42 26.98
C TRP A 798 11.16 6.17 25.79
N THR A 799 11.50 7.43 25.97
CA THR A 799 12.01 8.32 24.90
C THR A 799 13.37 7.81 24.41
N ARG A 800 14.19 7.25 25.30
CA ARG A 800 15.54 6.73 24.93
C ARG A 800 15.36 5.52 24.02
N MET A 801 14.40 4.67 24.32
CA MET A 801 14.07 3.47 23.50
C MET A 801 13.51 3.94 22.16
N VAL A 802 12.68 4.99 22.16
CA VAL A 802 12.16 5.62 20.92
C VAL A 802 13.34 6.06 20.06
N ILE A 803 14.33 6.71 20.66
CA ILE A 803 15.50 7.20 19.90
C ILE A 803 16.22 6.01 19.25
N ARG A 804 16.37 4.91 19.98
CA ARG A 804 17.04 3.67 19.50
C ARG A 804 16.25 3.12 18.29
N ASN A 805 14.93 3.38 18.22
CA ASN A 805 14.05 2.90 17.13
C ASN A 805 14.22 3.82 15.90
N ILE A 806 13.99 5.12 16.06
CA ILE A 806 14.17 6.12 14.97
C ILE A 806 15.56 5.96 14.35
N ALA A 807 16.58 5.82 15.20
CA ALA A 807 18.00 5.80 14.80
C ALA A 807 18.33 4.55 13.98
N THR A 808 17.56 3.47 14.08
CA THR A 808 17.85 2.20 13.35
C THR A 808 16.78 1.94 12.27
N SER A 809 15.96 2.93 11.92
CA SER A 809 14.83 2.78 10.97
C SER A 809 15.30 2.95 9.51
N GLY A 810 16.58 3.29 9.27
CA GLY A 810 17.15 3.60 7.95
C GLY A 810 16.94 2.50 6.91
N LYS A 811 17.04 1.24 7.32
CA LYS A 811 16.92 0.09 6.38
C LYS A 811 15.56 0.11 5.69
N PHE A 812 14.59 0.75 6.30
CA PHE A 812 13.15 0.62 5.96
C PHE A 812 12.75 1.77 5.05
N SER A 813 13.74 2.48 4.52
CA SER A 813 13.58 3.44 3.41
C SER A 813 13.40 2.69 2.08
N SER A 814 12.33 3.01 1.34
CA SER A 814 12.09 2.56 -0.06
C SER A 814 13.26 2.95 -0.96
N ASP A 815 14.19 3.80 -0.52
CA ASP A 815 15.40 4.11 -1.35
C ASP A 815 16.30 2.88 -1.34
N ARG A 816 16.51 2.30 -0.17
CA ARG A 816 17.27 1.04 -0.05
C ARG A 816 16.53 -0.04 -0.89
N THR A 817 15.23 -0.20 -0.70
CA THR A 817 14.47 -1.24 -1.44
C THR A 817 14.71 -1.12 -2.95
N ILE A 818 14.54 0.08 -3.51
CA ILE A 818 14.58 0.33 -4.98
C ILE A 818 16.02 0.17 -5.49
N ALA A 819 17.01 0.63 -4.73
CA ALA A 819 18.44 0.43 -5.08
C ALA A 819 18.69 -1.08 -5.19
N GLN A 820 18.05 -1.91 -4.36
CA GLN A 820 18.25 -3.38 -4.40
C GLN A 820 17.54 -3.97 -5.62
N TYR A 821 16.31 -3.54 -5.90
CA TYR A 821 15.59 -3.94 -7.14
C TYR A 821 16.46 -3.62 -8.37
N ALA A 822 16.98 -2.39 -8.40
CA ALA A 822 17.76 -1.82 -9.52
C ALA A 822 19.03 -2.64 -9.77
N ARG A 823 19.80 -2.93 -8.72
CA ARG A 823 21.10 -3.64 -8.87
C ARG A 823 20.89 -5.14 -9.06
N GLU A 824 19.90 -5.78 -8.44
CA GLU A 824 19.81 -7.26 -8.35
C GLU A 824 18.71 -7.84 -9.26
N ILE A 825 17.82 -7.00 -9.82
CA ILE A 825 16.73 -7.45 -10.73
C ILE A 825 16.76 -6.66 -12.03
N TRP A 826 16.74 -5.34 -12.00
CA TRP A 826 16.52 -4.52 -13.23
C TRP A 826 17.83 -4.35 -13.99
N GLY A 827 18.98 -4.41 -13.32
CA GLY A 827 20.31 -4.25 -13.95
C GLY A 827 20.60 -2.81 -14.34
N VAL A 828 20.23 -1.84 -13.50
CA VAL A 828 20.46 -0.38 -13.69
C VAL A 828 21.06 0.15 -12.39
N GLU A 829 21.79 1.26 -12.48
CA GLU A 829 22.53 1.88 -11.34
C GLU A 829 21.72 3.10 -10.90
N PRO A 830 21.27 3.17 -9.63
CA PRO A 830 20.67 4.40 -9.13
C PRO A 830 21.64 5.60 -9.21
N SER A 831 21.12 6.80 -9.10
CA SER A 831 21.93 8.05 -9.07
C SER A 831 21.26 9.08 -8.16
N ARG A 832 22.04 9.83 -7.37
CA ARG A 832 21.53 10.98 -6.57
C ARG A 832 22.01 12.29 -7.20
N GLN A 833 22.67 12.22 -8.36
CA GLN A 833 23.09 13.45 -9.09
C GLN A 833 21.84 14.16 -9.63
N ARG A 834 21.79 15.48 -9.40
CA ARG A 834 20.78 16.42 -9.94
C ARG A 834 20.84 16.51 -11.47
N LEU A 835 19.67 16.53 -12.11
CA LEU A 835 19.41 17.11 -13.44
C LEU A 835 19.48 18.64 -13.32
N PRO A 836 19.82 19.38 -14.40
CA PRO A 836 19.83 20.86 -14.36
C PRO A 836 18.40 21.43 -14.23
N ALA A 837 18.23 22.48 -13.42
CA ALA A 837 16.92 23.02 -12.96
C ALA A 837 16.13 23.61 -14.14
C1 KVE B . -0.89 -7.40 0.19
C3 KVE B . -1.97 -9.09 -1.22
C4 KVE B . -2.50 -7.86 -1.35
C6 KVE B . -3.55 -7.63 -2.19
C10 KVE B . -5.19 -6.17 -3.26
C14 KVE B . -7.25 -8.26 -5.55
C7 KVE B . -4.07 -8.71 -2.91
C8 KVE B . -5.14 -8.54 -3.78
C12 KVE B . -5.62 -9.67 -4.48
C13 KVE B . -6.68 -9.53 -5.36
C15 KVE B . -6.76 -7.14 -4.86
C9 KVE B . -5.70 -7.27 -3.97
C11 KVE B . -4.12 -6.36 -2.38
N5 KVE B . -1.88 -6.90 -0.57
S2 KVE B . -0.74 -9.01 -0.12
C1' KVE B . 0.05 -6.67 1.17
O5' KVE B . 1.21 -6.26 0.43
C5' KVE B . 2.06 -5.44 1.25
C6' KVE B . 3.18 -4.88 0.35
O6' KVE B . 4.16 -5.90 0.09
C4' KVE B . 2.64 -6.24 2.47
O4' KVE B . 3.39 -5.34 3.35
C3' KVE B . 1.54 -6.92 3.28
O3' KVE B . 2.20 -7.81 4.24
C2' KVE B . 0.54 -7.66 2.31
O2' KVE B . -0.61 -8.26 2.99
N1 PLP C . -3.27 1.75 4.48
C2 PLP C . -2.69 2.95 4.45
C2A PLP C . -3.56 4.15 4.24
C3 PLP C . -1.32 3.08 4.60
O3 PLP C . -0.76 4.33 4.55
C4 PLP C . -0.54 1.94 4.80
C4A PLP C . 0.91 2.10 4.93
C5 PLP C . -1.16 0.68 4.80
C6 PLP C . -2.52 0.64 4.65
C5A PLP C . -0.42 -0.60 5.05
O4P PLP C . -0.37 -0.80 6.50
P PLP C . -0.11 -2.25 7.18
O1P PLP C . -0.12 -1.99 8.67
O2P PLP C . -1.28 -3.14 6.79
O3P PLP C . 1.21 -2.72 6.64
#